data_6DLY
#
_entry.id   6DLY
#
_cell.length_a   80.090
_cell.length_b   76.760
_cell.length_c   80.790
_cell.angle_alpha   90.000
_cell.angle_beta   117.530
_cell.angle_gamma   90.000
#
_symmetry.space_group_name_H-M   'P 1 21 1'
#
loop_
_entity.id
_entity.type
_entity.pdbx_description
1 polymer 'Beta sliding clamp'
2 polymer 'Natural product peptide'
3 non-polymer 1,2-ETHANEDIOL
4 water water
#
loop_
_entity_poly.entity_id
_entity_poly.type
_entity_poly.pdbx_seq_one_letter_code
_entity_poly.pdbx_strand_id
1 'polypeptide(L)'
;MAHHHHHHMDAATTRAGLTDLKFRLVRESFADAVSWVAKNLPTRPAVPVLSGVLLTGSDEGLTISGFDYEVSAEVRVPAE
IASPGTVLVSGRLLSDITRALPNKPVDFYVDGNRVALTCGNARFSLPTMAVEDYPTLPTLPEDTGTLPAELFSEAIGQVA
IAAGRDDTLPMLTGIRVEISGEKVVLAATDRFRLAVRELTWNALSPDIEAAVLVPAKTLGEAAKANTDGSEVRLSLGAGM
GVGKDGLLGISGDGKRSTTRLLDAEFPKFRQLLPAEHTAVASADVAELTEAIKLVALVADRGAQVRMEFADGMLRLSAGA
DDVGRAEEDIAVEFAGQPLTIAFNPTYLIDGLASLHSERVSFGFTTPGKPALLRPASAEDRIVSGPGDQGPFAAVPTDYV
YLLMPVRLPG
;
A,B
2 'polypeptide(L)' (ACE)(MVA)(MP8)(NZC)L(MP8)L(MVA)P(MLU)G C,D
#
# COMPACT_ATOMS: atom_id res chain seq x y z
N THR A 19 -33.75 -15.65 25.97
CA THR A 19 -34.26 -14.75 24.94
C THR A 19 -33.23 -14.47 23.83
N ASP A 20 -33.73 -14.38 22.60
CA ASP A 20 -32.89 -14.18 21.41
C ASP A 20 -32.77 -12.71 21.07
N LEU A 21 -31.53 -12.27 20.85
CA LEU A 21 -31.27 -10.87 20.49
C LEU A 21 -31.89 -10.53 19.14
N LYS A 22 -32.66 -9.44 19.10
CA LYS A 22 -33.15 -8.86 17.86
C LYS A 22 -33.05 -7.34 17.97
N PHE A 23 -32.39 -6.71 17.00
CA PHE A 23 -32.27 -5.26 17.02
C PHE A 23 -32.20 -4.71 15.61
N ARG A 24 -32.30 -3.38 15.54
CA ARG A 24 -32.19 -2.64 14.30
C ARG A 24 -31.37 -1.40 14.57
N LEU A 25 -30.44 -1.07 13.67
CA LEU A 25 -29.72 0.18 13.82
C LEU A 25 -29.11 0.59 12.49
N VAL A 26 -28.62 1.83 12.46
CA VAL A 26 -28.09 2.43 11.25
C VAL A 26 -26.81 1.73 10.85
N ARG A 27 -26.65 1.44 9.55
CA ARG A 27 -25.50 0.66 9.10
C ARG A 27 -24.18 1.28 9.55
N GLU A 28 -23.96 2.55 9.22
CA GLU A 28 -22.66 3.16 9.51
C GLU A 28 -22.33 3.09 11.01
N SER A 29 -23.33 3.33 11.86
N SER A 29 -23.32 3.34 11.86
CA SER A 29 -23.11 3.19 13.30
CA SER A 29 -23.13 3.18 13.30
C SER A 29 -22.73 1.76 13.66
C SER A 29 -22.71 1.76 13.63
N PHE A 30 -23.43 0.78 13.09
CA PHE A 30 -23.10 -0.62 13.32
C PHE A 30 -21.68 -0.93 12.84
N ALA A 31 -21.38 -0.54 11.61
CA ALA A 31 -20.07 -0.84 11.03
C ALA A 31 -18.93 -0.21 11.81
N ASP A 32 -19.08 1.06 12.21
CA ASP A 32 -18.00 1.72 12.95
C ASP A 32 -17.72 1.01 14.26
N ALA A 33 -18.77 0.57 14.96
CA ALA A 33 -18.58 -0.07 16.26
C ALA A 33 -17.93 -1.44 16.11
N VAL A 34 -18.43 -2.25 15.20
CA VAL A 34 -17.90 -3.60 15.00
C VAL A 34 -16.45 -3.54 14.55
N SER A 35 -16.16 -2.69 13.57
CA SER A 35 -14.80 -2.63 13.03
C SER A 35 -13.80 -2.15 14.09
N TRP A 36 -14.22 -1.25 14.99
CA TRP A 36 -13.30 -0.82 16.03
C TRP A 36 -12.98 -1.96 16.99
N VAL A 37 -13.99 -2.73 17.39
CA VAL A 37 -13.73 -3.93 18.19
C VAL A 37 -12.95 -4.97 17.38
N ALA A 38 -13.29 -5.16 16.10
CA ALA A 38 -12.63 -6.22 15.34
C ALA A 38 -11.19 -5.91 14.99
N LYS A 39 -10.80 -4.62 14.96
CA LYS A 39 -9.42 -4.28 14.62
C LYS A 39 -8.43 -4.90 15.60
N ASN A 40 -8.86 -5.13 16.83
CA ASN A 40 -7.99 -5.66 17.87
C ASN A 40 -7.95 -7.18 17.90
N LEU A 41 -8.82 -7.87 17.16
CA LEU A 41 -8.88 -9.32 17.24
C LEU A 41 -7.56 -9.93 16.79
N PRO A 42 -7.15 -11.05 17.39
CA PRO A 42 -5.86 -11.64 17.04
C PRO A 42 -5.84 -12.11 15.59
N THR A 43 -4.75 -11.80 14.90
CA THR A 43 -4.55 -12.33 13.56
C THR A 43 -4.26 -13.83 13.61
N ARG A 44 -3.49 -14.25 14.61
CA ARG A 44 -3.25 -15.66 14.92
C ARG A 44 -4.00 -16.00 16.20
N PRO A 45 -5.27 -16.39 16.12
CA PRO A 45 -6.03 -16.68 17.35
C PRO A 45 -5.51 -17.93 18.04
N ALA A 46 -5.22 -17.81 19.34
CA ALA A 46 -4.73 -18.96 20.10
C ALA A 46 -5.74 -20.10 20.10
N VAL A 47 -7.03 -19.78 20.20
CA VAL A 47 -8.09 -20.77 20.02
C VAL A 47 -9.20 -20.15 19.20
N PRO A 48 -9.92 -20.99 18.43
CA PRO A 48 -10.87 -20.43 17.45
C PRO A 48 -11.91 -19.48 18.03
N VAL A 49 -12.37 -19.70 19.26
CA VAL A 49 -13.47 -18.86 19.74
C VAL A 49 -13.05 -17.40 19.88
N LEU A 50 -11.76 -17.10 19.93
CA LEU A 50 -11.33 -15.72 20.11
C LEU A 50 -11.45 -14.89 18.83
N SER A 51 -11.90 -15.48 17.73
CA SER A 51 -12.19 -14.70 16.53
C SER A 51 -13.55 -14.05 16.58
N GLY A 52 -14.37 -14.39 17.59
CA GLY A 52 -15.69 -13.82 17.70
C GLY A 52 -15.73 -12.44 18.34
N VAL A 53 -16.81 -11.73 18.06
CA VAL A 53 -17.21 -10.56 18.83
C VAL A 53 -18.56 -10.87 19.46
N LEU A 54 -18.78 -10.31 20.64
CA LEU A 54 -19.99 -10.51 21.42
C LEU A 54 -20.90 -9.32 21.22
N LEU A 55 -22.16 -9.59 20.87
CA LEU A 55 -23.17 -8.55 20.76
C LEU A 55 -24.20 -8.77 21.86
N THR A 56 -24.48 -7.72 22.64
CA THR A 56 -25.40 -7.81 23.76
C THR A 56 -26.39 -6.65 23.70
N GLY A 57 -27.68 -6.97 23.63
CA GLY A 57 -28.72 -5.95 23.54
C GLY A 57 -29.51 -5.87 24.83
N SER A 58 -29.66 -4.66 25.34
CA SER A 58 -30.48 -4.38 26.52
C SER A 58 -31.26 -3.07 26.28
N ASP A 59 -32.06 -2.70 27.29
CA ASP A 59 -32.68 -1.37 27.27
C ASP A 59 -31.63 -0.27 27.29
N GLU A 60 -30.41 -0.57 27.74
CA GLU A 60 -29.30 0.36 27.72
C GLU A 60 -28.55 0.36 26.39
N GLY A 61 -29.10 -0.29 25.36
CA GLY A 61 -28.58 -0.24 24.01
C GLY A 61 -27.92 -1.53 23.55
N LEU A 62 -27.08 -1.39 22.54
CA LEU A 62 -26.33 -2.50 21.99
C LEU A 62 -24.87 -2.35 22.37
N THR A 63 -24.29 -3.41 22.93
CA THR A 63 -22.87 -3.45 23.26
C THR A 63 -22.17 -4.47 22.37
N ILE A 64 -21.04 -4.07 21.80
CA ILE A 64 -20.21 -4.93 20.98
C ILE A 64 -18.87 -5.03 21.67
N SER A 65 -18.42 -6.26 21.96
CA SER A 65 -17.17 -6.41 22.70
C SER A 65 -16.33 -7.56 22.18
N GLY A 66 -15.02 -7.43 22.42
CA GLY A 66 -14.06 -8.46 22.09
C GLY A 66 -12.98 -8.50 23.15
N PHE A 67 -12.28 -9.63 23.23
CA PHE A 67 -11.31 -9.85 24.30
C PHE A 67 -10.46 -11.05 23.92
N ASP A 68 -9.13 -10.94 24.07
CA ASP A 68 -8.23 -12.05 23.73
C ASP A 68 -7.35 -12.45 24.91
N TYR A 69 -7.78 -12.14 26.14
CA TYR A 69 -7.12 -12.35 27.42
C TYR A 69 -6.07 -11.30 27.69
N GLU A 70 -5.67 -10.49 26.71
CA GLU A 70 -4.68 -9.44 26.94
C GLU A 70 -5.28 -8.06 26.75
N VAL A 71 -6.05 -7.87 25.68
CA VAL A 71 -6.67 -6.59 25.35
C VAL A 71 -8.16 -6.82 25.15
N SER A 72 -8.99 -5.95 25.73
CA SER A 72 -10.43 -6.00 25.53
C SER A 72 -10.87 -4.68 24.90
N ALA A 73 -11.98 -4.74 24.16
CA ALA A 73 -12.53 -3.56 23.53
C ALA A 73 -14.03 -3.67 23.57
N GLU A 74 -14.71 -2.56 23.91
CA GLU A 74 -16.14 -2.58 24.13
C GLU A 74 -16.74 -1.23 23.78
N VAL A 75 -17.82 -1.24 22.98
CA VAL A 75 -18.47 -0.02 22.53
C VAL A 75 -19.98 -0.21 22.70
N ARG A 76 -20.65 0.83 23.18
CA ARG A 76 -22.10 0.83 23.29
C ARG A 76 -22.65 1.80 22.25
N VAL A 77 -23.65 1.36 21.49
CA VAL A 77 -24.25 2.24 20.49
C VAL A 77 -25.76 2.22 20.63
N PRO A 78 -26.43 3.36 20.40
CA PRO A 78 -27.89 3.36 20.38
C PRO A 78 -28.41 2.38 19.33
N ALA A 79 -29.48 1.70 19.67
CA ALA A 79 -30.11 0.78 18.74
C ALA A 79 -31.52 0.55 19.21
N GLU A 80 -32.38 0.15 18.28
CA GLU A 80 -33.73 -0.26 18.64
C GLU A 80 -33.65 -1.74 18.95
N ILE A 81 -33.73 -2.08 20.24
CA ILE A 81 -33.67 -3.47 20.71
C ILE A 81 -35.10 -4.02 20.77
N ALA A 82 -35.45 -4.88 19.81
CA ALA A 82 -36.78 -5.46 19.87
C ALA A 82 -36.85 -6.60 20.89
N SER A 83 -35.73 -7.28 21.14
CA SER A 83 -35.69 -8.39 22.07
C SER A 83 -34.26 -8.47 22.60
N PRO A 84 -34.08 -8.47 23.91
CA PRO A 84 -32.72 -8.49 24.47
C PRO A 84 -32.09 -9.86 24.32
N GLY A 85 -30.77 -9.90 24.45
CA GLY A 85 -30.04 -11.15 24.43
C GLY A 85 -28.57 -10.91 24.13
N THR A 86 -27.85 -12.03 23.97
N THR A 86 -27.86 -12.03 23.96
CA THR A 86 -26.42 -11.99 23.69
CA THR A 86 -26.42 -12.02 23.71
C THR A 86 -26.08 -13.06 22.65
C THR A 86 -26.09 -13.06 22.64
N VAL A 87 -25.06 -12.77 21.84
CA VAL A 87 -24.66 -13.68 20.78
C VAL A 87 -23.20 -13.43 20.44
N LEU A 88 -22.50 -14.50 20.04
CA LEU A 88 -21.11 -14.44 19.59
C LEU A 88 -21.06 -14.84 18.12
N VAL A 89 -20.46 -13.98 17.29
CA VAL A 89 -20.31 -14.27 15.86
C VAL A 89 -18.90 -13.88 15.40
N SER A 90 -18.51 -14.45 14.27
CA SER A 90 -17.20 -14.20 13.68
C SER A 90 -16.97 -12.70 13.46
N GLY A 91 -15.95 -12.15 14.13
CA GLY A 91 -15.75 -10.70 14.21
C GLY A 91 -15.29 -9.98 12.94
N ARG A 92 -14.20 -10.43 12.31
CA ARG A 92 -13.79 -9.74 11.10
C ARG A 92 -14.79 -9.95 9.97
N LEU A 93 -15.39 -11.13 9.89
CA LEU A 93 -16.46 -11.36 8.92
C LEU A 93 -17.60 -10.37 9.13
N LEU A 94 -18.06 -10.22 10.37
CA LEU A 94 -19.12 -9.24 10.64
C LEU A 94 -18.67 -7.82 10.31
N SER A 95 -17.39 -7.50 10.56
CA SER A 95 -16.90 -6.18 10.24
C SER A 95 -16.93 -5.93 8.74
N ASP A 96 -16.43 -6.89 7.96
CA ASP A 96 -16.40 -6.72 6.51
C ASP A 96 -17.81 -6.65 5.92
N ILE A 97 -18.72 -7.48 6.42
CA ILE A 97 -20.10 -7.41 5.94
C ILE A 97 -20.69 -6.03 6.22
N THR A 98 -20.63 -5.58 7.48
CA THR A 98 -21.28 -4.32 7.80
C THR A 98 -20.65 -3.17 7.03
N ARG A 99 -19.37 -3.27 6.69
CA ARG A 99 -18.77 -2.22 5.87
C ARG A 99 -19.27 -2.25 4.44
N ALA A 100 -19.71 -3.40 3.96
CA ALA A 100 -20.09 -3.55 2.56
C ALA A 100 -21.61 -3.57 2.33
N LEU A 101 -22.42 -3.48 3.37
CA LEU A 101 -23.86 -3.58 3.19
C LEU A 101 -24.39 -2.35 2.46
N PRO A 102 -25.60 -2.44 1.89
CA PRO A 102 -26.26 -1.22 1.40
C PRO A 102 -26.42 -0.25 2.55
N ASN A 103 -26.42 1.05 2.23
CA ASN A 103 -26.45 2.08 3.27
C ASN A 103 -27.89 2.29 3.74
N LYS A 104 -28.43 1.25 4.36
CA LYS A 104 -29.81 1.18 4.84
C LYS A 104 -29.80 0.66 6.27
N PRO A 105 -30.92 0.78 6.99
CA PRO A 105 -30.98 0.23 8.36
C PRO A 105 -30.72 -1.28 8.34
N VAL A 106 -30.01 -1.75 9.36
CA VAL A 106 -29.63 -3.15 9.48
C VAL A 106 -30.51 -3.81 10.52
N ASP A 107 -31.19 -4.88 10.13
CA ASP A 107 -31.93 -5.73 11.06
C ASP A 107 -31.13 -6.99 11.35
N PHE A 108 -31.08 -7.36 12.63
CA PHE A 108 -30.21 -8.41 13.14
C PHE A 108 -31.04 -9.23 14.12
N TYR A 109 -31.42 -10.44 13.74
CA TYR A 109 -32.21 -11.30 14.62
C TYR A 109 -31.50 -12.64 14.81
N VAL A 110 -31.31 -13.02 16.06
CA VAL A 110 -30.75 -14.33 16.37
C VAL A 110 -31.90 -15.31 16.49
N ASP A 111 -31.82 -16.38 15.71
CA ASP A 111 -32.79 -17.48 15.80
C ASP A 111 -32.01 -18.75 16.11
N GLY A 112 -31.84 -18.94 17.43
N GLY A 112 -31.93 -19.16 17.38
CA GLY A 112 -30.98 -19.88 18.12
CA GLY A 112 -31.40 -20.49 17.69
C GLY A 112 -29.52 -19.80 17.77
C GLY A 112 -30.34 -21.09 16.78
N ASN A 113 -29.07 -20.88 17.14
CA ASN A 113 -27.79 -21.09 16.47
C ASN A 113 -27.57 -20.35 15.14
N ARG A 114 -28.47 -19.47 14.73
CA ARG A 114 -28.32 -18.81 13.45
C ARG A 114 -28.70 -17.33 13.55
N VAL A 115 -27.90 -16.46 12.93
CA VAL A 115 -28.19 -15.03 12.89
C VAL A 115 -28.68 -14.65 11.51
N ALA A 116 -29.84 -14.00 11.47
CA ALA A 116 -30.39 -13.45 10.23
C ALA A 116 -30.05 -11.97 10.19
N LEU A 117 -29.32 -11.55 9.17
CA LEU A 117 -28.94 -10.16 9.01
C LEU A 117 -29.55 -9.67 7.69
N THR A 118 -30.40 -8.65 7.76
CA THR A 118 -31.03 -8.11 6.56
C THR A 118 -30.84 -6.60 6.50
N CYS A 119 -30.65 -6.10 5.28
CA CYS A 119 -30.37 -4.68 5.07
C CYS A 119 -30.62 -4.38 3.59
N GLY A 120 -31.64 -3.57 3.30
CA GLY A 120 -31.95 -3.26 1.92
C GLY A 120 -32.33 -4.53 1.15
N ASN A 121 -31.73 -4.72 -0.03
CA ASN A 121 -31.95 -5.91 -0.85
C ASN A 121 -30.97 -7.05 -0.52
N ALA A 122 -30.28 -6.98 0.63
CA ALA A 122 -29.30 -7.98 1.01
C ALA A 122 -29.74 -8.77 2.24
N ARG A 123 -29.32 -10.03 2.28
CA ARG A 123 -29.65 -10.88 3.42
C ARG A 123 -28.52 -11.85 3.68
N PHE A 124 -28.16 -12.01 4.95
CA PHE A 124 -27.11 -12.92 5.37
C PHE A 124 -27.66 -13.85 6.43
N SER A 125 -27.18 -15.09 6.41
CA SER A 125 -27.46 -16.09 7.43
C SER A 125 -26.12 -16.57 7.95
N LEU A 126 -25.80 -16.25 9.21
CA LEU A 126 -24.49 -16.48 9.79
C LEU A 126 -24.57 -17.47 10.94
N PRO A 127 -23.60 -18.39 11.06
CA PRO A 127 -23.58 -19.27 12.23
C PRO A 127 -23.14 -18.48 13.46
N THR A 128 -23.65 -18.88 14.61
CA THR A 128 -23.18 -18.35 15.88
C THR A 128 -22.01 -19.19 16.41
N MET A 129 -21.28 -18.63 17.36
CA MET A 129 -20.18 -19.30 18.02
C MET A 129 -20.52 -19.58 19.48
N ALA A 130 -19.72 -20.42 20.11
CA ALA A 130 -20.06 -20.93 21.44
C ALA A 130 -19.78 -19.84 22.47
N VAL A 131 -20.81 -19.09 22.86
CA VAL A 131 -20.62 -17.96 23.77
C VAL A 131 -20.11 -18.44 25.11
N GLU A 132 -20.47 -19.66 25.52
CA GLU A 132 -20.05 -20.20 26.81
C GLU A 132 -18.54 -20.37 26.89
N ASP A 133 -17.84 -20.35 25.76
CA ASP A 133 -16.39 -20.52 25.74
C ASP A 133 -15.65 -19.20 25.71
N TYR A 134 -16.34 -18.10 25.42
CA TYR A 134 -15.71 -16.81 25.29
C TYR A 134 -15.36 -16.25 26.66
N PRO A 135 -14.14 -15.73 26.88
CA PRO A 135 -13.80 -15.18 28.19
C PRO A 135 -14.64 -13.95 28.48
N THR A 136 -14.89 -13.73 29.76
N THR A 136 -14.92 -13.73 29.75
CA THR A 136 -15.66 -12.57 30.19
CA THR A 136 -15.68 -12.56 30.15
C THR A 136 -14.76 -11.33 30.20
C THR A 136 -14.77 -11.34 30.17
N LEU A 137 -15.31 -10.21 29.77
CA LEU A 137 -14.52 -9.00 29.71
C LEU A 137 -14.16 -8.55 31.13
N PRO A 138 -12.93 -8.10 31.36
CA PRO A 138 -12.54 -7.66 32.70
C PRO A 138 -13.23 -6.35 33.05
N THR A 139 -13.47 -6.18 34.34
CA THR A 139 -14.00 -4.95 34.88
C THR A 139 -12.90 -3.90 34.95
N LEU A 140 -13.23 -2.66 34.60
CA LEU A 140 -12.21 -1.62 34.60
C LEU A 140 -11.84 -1.25 36.03
N PRO A 141 -10.58 -0.96 36.30
CA PRO A 141 -10.22 -0.37 37.60
C PRO A 141 -10.89 0.98 37.75
N GLU A 142 -10.77 1.53 38.94
CA GLU A 142 -11.34 2.85 39.20
C GLU A 142 -10.64 3.89 38.35
N ASP A 143 -11.39 4.92 37.97
CA ASP A 143 -10.84 6.01 37.17
C ASP A 143 -9.72 6.72 37.94
N THR A 144 -8.63 7.00 37.23
CA THR A 144 -7.43 7.64 37.76
C THR A 144 -7.24 9.08 37.29
N GLY A 145 -7.48 9.37 36.02
CA GLY A 145 -7.31 10.72 35.50
C GLY A 145 -7.78 10.81 34.07
N THR A 146 -7.82 12.05 33.57
CA THR A 146 -8.33 12.35 32.24
C THR A 146 -7.42 13.38 31.55
N LEU A 147 -7.49 13.41 30.23
CA LEU A 147 -6.71 14.36 29.44
C LEU A 147 -7.31 14.43 28.04
N PRO A 148 -7.09 15.52 27.31
CA PRO A 148 -7.68 15.65 25.97
C PRO A 148 -7.17 14.57 25.02
N ALA A 149 -8.05 14.14 24.12
CA ALA A 149 -7.68 13.11 23.15
C ALA A 149 -6.46 13.53 22.33
N GLU A 150 -6.39 14.82 21.94
CA GLU A 150 -5.29 15.29 21.14
C GLU A 150 -3.95 15.13 21.87
N LEU A 151 -3.91 15.53 23.14
CA LEU A 151 -2.68 15.40 23.91
C LEU A 151 -2.33 13.93 24.12
N PHE A 152 -3.32 13.12 24.47
CA PHE A 152 -3.07 11.68 24.60
C PHE A 152 -2.44 11.11 23.33
N SER A 153 -3.01 11.46 22.18
CA SER A 153 -2.51 10.92 20.92
C SER A 153 -1.11 11.43 20.62
N GLU A 154 -0.87 12.74 20.78
CA GLU A 154 0.45 13.29 20.49
C GLU A 154 1.52 12.66 21.38
N ALA A 155 1.28 12.61 22.70
CA ALA A 155 2.32 12.20 23.64
C ALA A 155 2.69 10.73 23.47
N ILE A 156 1.67 9.87 23.33
CA ILE A 156 1.94 8.46 23.16
C ILE A 156 2.69 8.22 21.84
N GLY A 157 2.27 8.91 20.78
CA GLY A 157 2.97 8.81 19.51
C GLY A 157 4.44 9.20 19.62
N GLN A 158 4.74 10.22 20.43
CA GLN A 158 6.12 10.68 20.58
C GLN A 158 6.98 9.66 21.30
N VAL A 159 6.40 8.91 22.22
N VAL A 159 6.39 8.88 22.19
CA VAL A 159 7.17 8.01 23.06
CA VAL A 159 7.17 8.02 23.08
C VAL A 159 7.18 6.60 22.51
C VAL A 159 7.16 6.59 22.56
N ALA A 160 6.07 6.18 21.91
CA ALA A 160 5.96 4.80 21.43
C ALA A 160 6.98 4.50 20.35
N ILE A 161 7.39 5.51 19.59
CA ILE A 161 8.35 5.30 18.52
C ILE A 161 9.66 4.70 19.05
N ALA A 162 9.97 4.90 20.33
CA ALA A 162 11.22 4.41 20.91
C ALA A 162 11.10 3.05 21.59
N ALA A 163 9.90 2.48 21.67
CA ALA A 163 9.75 1.22 22.39
C ALA A 163 10.35 0.05 21.61
N GLY A 164 10.80 -0.95 22.36
CA GLY A 164 11.19 -2.20 21.73
C GLY A 164 10.00 -2.90 21.10
N ARG A 165 10.29 -3.68 20.06
CA ARG A 165 9.25 -4.40 19.32
C ARG A 165 9.41 -5.91 19.45
N ASP A 166 10.19 -6.38 20.43
CA ASP A 166 10.51 -7.79 20.61
C ASP A 166 9.91 -8.30 21.92
N ASP A 167 8.83 -9.09 21.81
CA ASP A 167 8.14 -9.62 22.98
C ASP A 167 9.00 -10.53 23.85
N THR A 168 10.18 -10.95 23.37
CA THR A 168 11.10 -11.69 24.24
C THR A 168 11.85 -10.78 25.20
N LEU A 169 11.81 -9.47 24.98
CA LEU A 169 12.42 -8.49 25.89
C LEU A 169 11.31 -7.58 26.40
N PRO A 170 10.41 -8.12 27.23
CA PRO A 170 9.20 -7.36 27.59
C PRO A 170 9.48 -6.07 28.33
N MET A 171 10.62 -5.95 29.00
CA MET A 171 10.94 -4.70 29.70
C MET A 171 11.10 -3.54 28.74
N LEU A 172 11.34 -3.81 27.45
CA LEU A 172 11.49 -2.74 26.48
C LEU A 172 10.23 -2.47 25.67
N THR A 173 9.27 -3.40 25.70
CA THR A 173 8.08 -3.28 24.85
C THR A 173 7.03 -2.41 25.46
N GLY A 174 7.28 -1.86 26.64
CA GLY A 174 6.30 -1.07 27.34
C GLY A 174 6.57 0.41 27.21
N ILE A 175 5.53 1.18 27.51
CA ILE A 175 5.67 2.59 27.79
C ILE A 175 5.54 2.75 29.30
N ARG A 176 6.60 3.24 29.94
CA ARG A 176 6.52 3.51 31.37
C ARG A 176 5.61 4.71 31.59
N VAL A 177 4.69 4.59 32.54
CA VAL A 177 3.79 5.69 32.89
C VAL A 177 3.99 6.01 34.35
N GLU A 178 4.61 7.15 34.64
CA GLU A 178 4.79 7.63 35.99
C GLU A 178 3.77 8.71 36.29
N ILE A 179 3.12 8.60 37.44
CA ILE A 179 2.10 9.56 37.85
C ILE A 179 2.46 10.12 39.21
N SER A 180 2.44 11.45 39.32
CA SER A 180 2.60 12.14 40.61
C SER A 180 1.59 13.27 40.61
N GLY A 181 0.45 13.05 41.26
CA GLY A 181 -0.61 14.05 41.25
C GLY A 181 -1.05 14.39 39.83
N GLU A 182 -0.87 15.66 39.45
CA GLU A 182 -1.30 16.17 38.15
C GLU A 182 -0.26 16.00 37.06
N LYS A 183 0.90 15.42 37.37
CA LYS A 183 2.01 15.36 36.43
C LYS A 183 2.22 13.91 35.97
N VAL A 184 2.32 13.73 34.67
CA VAL A 184 2.57 12.44 34.06
C VAL A 184 3.89 12.49 33.31
N VAL A 185 4.68 11.44 33.46
CA VAL A 185 5.88 11.24 32.64
C VAL A 185 5.71 9.92 31.88
N LEU A 186 5.90 9.98 30.57
CA LEU A 186 5.89 8.81 29.71
C LEU A 186 7.30 8.57 29.21
N ALA A 187 7.72 7.30 29.20
CA ALA A 187 9.06 6.96 28.75
C ALA A 187 9.06 5.62 28.03
N ALA A 188 9.90 5.51 26.99
CA ALA A 188 10.10 4.25 26.30
C ALA A 188 11.52 4.19 25.80
N THR A 189 12.08 2.98 25.78
CA THR A 189 13.39 2.81 25.18
C THR A 189 13.49 1.42 24.58
N ASP A 190 14.31 1.30 23.54
CA ASP A 190 14.63 0.02 22.94
C ASP A 190 16.13 -0.27 23.05
N ARG A 191 16.83 0.49 23.90
CA ARG A 191 18.26 0.46 24.17
C ARG A 191 19.05 1.29 23.15
N PHE A 192 18.42 1.76 22.07
CA PHE A 192 19.12 2.59 21.10
C PHE A 192 18.65 4.04 21.12
N ARG A 193 17.36 4.27 21.35
CA ARG A 193 16.84 5.59 21.65
C ARG A 193 16.01 5.51 22.92
N LEU A 194 15.88 6.66 23.58
CA LEU A 194 15.04 6.84 24.75
C LEU A 194 14.18 8.06 24.47
N ALA A 195 12.86 7.91 24.56
CA ALA A 195 11.95 9.04 24.43
C ALA A 195 11.27 9.28 25.78
N VAL A 196 11.23 10.53 26.21
CA VAL A 196 10.57 10.92 27.46
C VAL A 196 9.67 12.12 27.19
N ARG A 197 8.41 12.00 27.60
CA ARG A 197 7.44 13.08 27.50
C ARG A 197 6.84 13.36 28.87
N GLU A 198 6.84 14.62 29.28
CA GLU A 198 6.15 15.08 30.48
C GLU A 198 4.88 15.83 30.08
N LEU A 199 3.80 15.64 30.84
CA LEU A 199 2.58 16.42 30.61
C LEU A 199 1.82 16.62 31.91
N THR A 200 0.85 17.52 31.86
CA THR A 200 -0.12 17.73 32.92
C THR A 200 -1.44 17.09 32.51
N TRP A 201 -2.05 16.34 33.41
CA TRP A 201 -3.38 15.81 33.17
C TRP A 201 -4.32 16.25 34.29
N ASN A 202 -5.58 15.83 34.20
CA ASN A 202 -6.59 16.13 35.22
C ASN A 202 -6.70 14.92 36.13
N ALA A 203 -6.13 15.02 37.33
CA ALA A 203 -6.12 13.88 38.24
C ALA A 203 -7.49 13.75 38.89
N LEU A 204 -7.93 12.50 39.10
CA LEU A 204 -9.23 12.21 39.71
C LEU A 204 -9.12 11.67 41.12
N SER A 205 -7.90 11.49 41.63
CA SER A 205 -7.65 10.89 42.92
C SER A 205 -6.40 11.54 43.48
N PRO A 206 -6.30 11.71 44.82
CA PRO A 206 -5.23 12.57 45.37
C PRO A 206 -3.86 11.93 45.52
N ASP A 207 -3.78 10.81 46.24
CA ASP A 207 -2.51 10.24 46.70
C ASP A 207 -1.89 9.31 45.65
N ILE A 208 -1.66 9.85 44.45
CA ILE A 208 -1.15 9.04 43.36
C ILE A 208 0.34 9.30 43.19
N GLU A 209 1.14 8.29 43.54
CA GLU A 209 2.59 8.28 43.37
C GLU A 209 2.90 6.87 42.89
N ALA A 210 2.85 6.66 41.58
CA ALA A 210 2.95 5.31 41.06
C ALA A 210 3.63 5.33 39.71
N ALA A 211 4.06 4.14 39.28
CA ALA A 211 4.59 3.93 37.95
C ALA A 211 4.16 2.55 37.48
N VAL A 212 3.62 2.49 36.28
CA VAL A 212 3.23 1.23 35.67
C VAL A 212 3.95 1.13 34.33
N LEU A 213 3.81 -0.02 33.69
CA LEU A 213 4.40 -0.28 32.38
C LEU A 213 3.31 -0.89 31.51
N VAL A 214 3.00 -0.24 30.41
CA VAL A 214 1.88 -0.58 29.52
C VAL A 214 2.44 -1.03 28.18
N PRO A 215 2.00 -2.16 27.63
CA PRO A 215 2.48 -2.57 26.30
C PRO A 215 2.33 -1.45 25.28
N ALA A 216 3.44 -1.15 24.60
CA ALA A 216 3.49 0.07 23.79
C ALA A 216 2.61 -0.05 22.55
N LYS A 217 2.66 -1.20 21.88
CA LYS A 217 1.84 -1.38 20.68
C LYS A 217 0.37 -1.13 20.99
N THR A 218 -0.12 -1.77 22.06
CA THR A 218 -1.52 -1.59 22.45
C THR A 218 -1.82 -0.13 22.74
N LEU A 219 -1.01 0.50 23.59
CA LEU A 219 -1.21 1.91 23.91
C LEU A 219 -1.15 2.77 22.66
N GLY A 220 -0.15 2.54 21.81
CA GLY A 220 -0.04 3.31 20.59
C GLY A 220 -1.28 3.22 19.73
N GLU A 221 -1.87 2.02 19.63
CA GLU A 221 -3.10 1.85 18.84
C GLU A 221 -4.28 2.52 19.52
N ALA A 222 -4.39 2.43 20.84
CA ALA A 222 -5.44 3.15 21.53
C ALA A 222 -5.33 4.65 21.29
N ALA A 223 -4.11 5.17 21.20
CA ALA A 223 -3.92 6.60 20.99
C ALA A 223 -4.34 7.02 19.58
N LYS A 224 -4.04 6.19 18.57
CA LYS A 224 -4.41 6.50 17.19
C LYS A 224 -5.87 6.17 16.90
N ALA A 225 -6.78 6.45 17.83
CA ALA A 225 -8.19 6.13 17.65
C ALA A 225 -9.10 7.08 18.44
N SER A 230 -12.58 13.64 21.59
CA SER A 230 -13.12 13.90 22.93
C SER A 230 -12.26 13.28 24.04
N GLU A 231 -12.48 13.75 25.27
CA GLU A 231 -11.59 13.50 26.40
C GLU A 231 -11.37 12.01 26.64
N VAL A 232 -10.16 11.66 27.05
CA VAL A 232 -9.76 10.28 27.32
C VAL A 232 -9.64 10.09 28.83
N ARG A 233 -10.22 9.01 29.36
CA ARG A 233 -10.17 8.68 30.78
C ARG A 233 -9.32 7.43 30.96
N LEU A 234 -8.27 7.55 31.77
CA LEU A 234 -7.40 6.43 32.11
C LEU A 234 -7.82 5.85 33.46
N SER A 235 -7.97 4.54 33.52
CA SER A 235 -8.46 3.84 34.70
C SER A 235 -7.39 2.84 35.15
N LEU A 236 -6.69 3.21 36.22
CA LEU A 236 -5.66 2.37 36.82
C LEU A 236 -5.90 2.14 38.30
N GLY A 237 -7.04 2.56 38.84
CA GLY A 237 -7.25 2.56 40.27
C GLY A 237 -7.07 3.93 40.87
N ALA A 238 -7.34 4.00 42.18
CA ALA A 238 -7.36 5.22 42.95
C ALA A 238 -6.32 5.16 44.06
N GLY A 239 -5.75 6.33 44.37
CA GLY A 239 -4.91 6.45 45.55
C GLY A 239 -3.74 5.48 45.51
N MET A 240 -3.54 4.78 46.62
CA MET A 240 -2.46 3.81 46.70
C MET A 240 -2.75 2.54 45.92
N GLY A 241 -3.98 2.35 45.45
CA GLY A 241 -4.32 1.18 44.66
C GLY A 241 -3.92 1.26 43.20
N VAL A 242 -3.27 2.34 42.78
CA VAL A 242 -3.02 2.57 41.36
C VAL A 242 -2.08 1.50 40.82
N GLY A 243 -2.51 0.82 39.76
CA GLY A 243 -1.73 -0.24 39.16
C GLY A 243 -1.84 -1.58 39.86
N LYS A 244 -2.50 -1.67 41.01
CA LYS A 244 -2.51 -2.91 41.78
C LYS A 244 -3.31 -4.01 41.09
N ASP A 245 -4.27 -3.65 40.25
CA ASP A 245 -5.12 -4.63 39.60
C ASP A 245 -4.55 -5.16 38.29
N GLY A 246 -3.36 -4.69 37.89
CA GLY A 246 -2.72 -5.23 36.71
C GLY A 246 -3.35 -4.86 35.39
N LEU A 247 -4.15 -3.80 35.34
CA LEU A 247 -4.90 -3.41 34.15
C LEU A 247 -4.87 -1.90 33.99
N LEU A 248 -4.87 -1.46 32.73
CA LEU A 248 -5.16 -0.09 32.36
C LEU A 248 -6.44 -0.09 31.54
N GLY A 249 -7.42 0.71 31.96
CA GLY A 249 -8.61 0.95 31.19
C GLY A 249 -8.47 2.29 30.49
N ILE A 250 -8.91 2.34 29.23
CA ILE A 250 -8.95 3.57 28.44
C ILE A 250 -10.36 3.75 27.94
N SER A 251 -10.95 4.91 28.25
CA SER A 251 -12.37 5.13 27.99
C SER A 251 -12.55 6.49 27.34
N GLY A 252 -13.54 6.56 26.45
CA GLY A 252 -13.95 7.79 25.81
C GLY A 252 -14.94 7.53 24.69
N ASP A 253 -15.98 8.35 24.58
CA ASP A 253 -16.87 8.36 23.41
C ASP A 253 -17.62 7.04 23.25
N GLY A 254 -18.19 6.54 24.34
CA GLY A 254 -18.90 5.28 24.29
C GLY A 254 -18.05 4.06 24.03
N LYS A 255 -16.72 4.21 23.99
CA LYS A 255 -15.77 3.14 23.82
C LYS A 255 -15.01 2.92 25.11
N ARG A 256 -14.50 1.70 25.29
CA ARG A 256 -13.76 1.39 26.51
C ARG A 256 -12.89 0.18 26.24
N SER A 257 -11.60 0.29 26.55
CA SER A 257 -10.68 -0.80 26.33
C SER A 257 -9.83 -1.04 27.57
N THR A 258 -9.29 -2.26 27.66
CA THR A 258 -8.40 -2.61 28.74
C THR A 258 -7.17 -3.28 28.15
N THR A 259 -6.05 -3.11 28.82
CA THR A 259 -4.85 -3.86 28.51
C THR A 259 -4.22 -4.30 29.82
N ARG A 260 -3.72 -5.53 29.82
CA ARG A 260 -2.89 -6.00 30.93
C ARG A 260 -1.60 -5.20 30.98
N LEU A 261 -1.22 -4.81 32.20
CA LEU A 261 0.08 -4.18 32.41
C LEU A 261 1.20 -5.23 32.33
N LEU A 262 2.40 -4.77 32.02
CA LEU A 262 3.60 -5.59 32.10
C LEU A 262 4.15 -5.55 33.53
N ASP A 263 4.61 -6.70 34.00
CA ASP A 263 5.25 -6.80 35.31
C ASP A 263 6.76 -6.61 35.22
N ALA A 264 7.29 -6.35 34.03
CA ALA A 264 8.73 -6.16 33.87
C ALA A 264 9.18 -4.87 34.52
N GLU A 265 10.47 -4.79 34.82
CA GLU A 265 11.07 -3.60 35.41
C GLU A 265 11.61 -2.69 34.31
N PHE A 266 11.25 -1.43 34.37
CA PHE A 266 11.74 -0.51 33.36
C PHE A 266 13.18 -0.09 33.67
N PRO A 267 14.02 0.10 32.66
CA PRO A 267 15.39 0.56 32.91
C PRO A 267 15.44 1.91 33.61
N LYS A 268 16.54 2.14 34.29
CA LYS A 268 16.81 3.41 34.99
C LYS A 268 17.20 4.47 33.95
N PHE A 269 16.17 5.07 33.32
CA PHE A 269 16.40 5.97 32.20
C PHE A 269 16.90 7.34 32.63
N ARG A 270 16.59 7.79 33.85
N ARG A 270 16.60 7.78 33.86
CA ARG A 270 17.00 9.12 34.26
CA ARG A 270 17.00 9.12 34.26
C ARG A 270 18.52 9.26 34.38
C ARG A 270 18.52 9.25 34.39
N GLN A 271 19.24 8.14 34.58
CA GLN A 271 20.69 8.18 34.59
C GLN A 271 21.25 8.64 33.24
N LEU A 272 20.53 8.39 32.15
CA LEU A 272 21.03 8.68 30.82
C LEU A 272 20.96 10.16 30.46
N LEU A 273 20.15 10.95 31.18
CA LEU A 273 19.85 12.30 30.72
C LEU A 273 21.01 13.21 31.07
N PRO A 274 21.73 13.74 30.08
CA PRO A 274 22.95 14.50 30.40
C PRO A 274 22.61 15.83 31.04
N ALA A 275 23.42 16.22 32.02
CA ALA A 275 23.22 17.51 32.68
C ALA A 275 23.92 18.65 31.95
N GLU A 276 24.91 18.34 31.12
CA GLU A 276 25.68 19.38 30.43
C GLU A 276 26.08 18.86 29.06
N HIS A 277 26.28 19.80 28.12
CA HIS A 277 26.64 19.48 26.74
C HIS A 277 27.94 20.18 26.40
N THR A 278 28.80 19.51 25.63
CA THR A 278 29.98 20.22 25.12
C THR A 278 29.66 20.98 23.84
N ALA A 279 28.56 20.67 23.19
CA ALA A 279 28.18 21.37 21.98
C ALA A 279 26.68 21.35 21.85
N VAL A 280 26.12 22.40 21.24
CA VAL A 280 24.69 22.54 21.03
C VAL A 280 24.48 23.06 19.62
N ALA A 281 23.39 22.62 19.00
CA ALA A 281 23.10 23.02 17.63
C ALA A 281 21.59 23.10 17.45
N SER A 282 21.16 23.87 16.46
CA SER A 282 19.75 23.84 16.07
C SER A 282 19.64 23.86 14.56
N ALA A 283 18.65 23.13 14.04
CA ALA A 283 18.45 23.02 12.61
C ALA A 283 16.96 23.05 12.29
N ASP A 284 16.64 23.27 11.02
CA ASP A 284 15.27 23.16 10.56
C ASP A 284 14.92 21.68 10.39
N VAL A 285 13.81 21.24 11.01
CA VAL A 285 13.50 19.82 11.07
C VAL A 285 13.22 19.27 9.67
N ALA A 286 12.38 19.94 8.91
CA ALA A 286 12.03 19.44 7.58
C ALA A 286 13.24 19.42 6.66
N GLU A 287 14.01 20.51 6.66
CA GLU A 287 15.22 20.55 5.83
C GLU A 287 16.21 19.45 6.22
N LEU A 288 16.38 19.19 7.51
CA LEU A 288 17.31 18.14 7.92
C LEU A 288 16.79 16.76 7.53
N THR A 289 15.51 16.52 7.77
CA THR A 289 14.89 15.24 7.41
C THR A 289 15.11 14.92 5.93
N GLU A 290 14.73 15.86 5.06
CA GLU A 290 14.90 15.66 3.63
C GLU A 290 16.36 15.40 3.28
N ALA A 291 17.28 16.09 3.95
CA ALA A 291 18.70 15.94 3.64
C ALA A 291 19.22 14.56 4.04
N ILE A 292 18.79 14.05 5.20
CA ILE A 292 19.18 12.70 5.61
C ILE A 292 18.66 11.67 4.61
N LYS A 293 17.40 11.83 4.18
CA LYS A 293 16.86 10.87 3.22
C LYS A 293 17.64 10.91 1.91
N LEU A 294 18.11 12.09 1.52
CA LEU A 294 18.86 12.20 0.27
C LEU A 294 20.23 11.54 0.38
N VAL A 295 21.02 11.92 1.39
N VAL A 295 20.99 11.92 1.41
CA VAL A 295 22.39 11.39 1.45
CA VAL A 295 22.36 11.45 1.54
C VAL A 295 22.40 9.91 1.80
C VAL A 295 22.43 9.96 1.86
N ALA A 296 21.44 9.43 2.58
CA ALA A 296 21.43 8.01 2.94
C ALA A 296 21.15 7.09 1.75
N LEU A 297 20.81 7.63 0.58
CA LEU A 297 20.63 6.78 -0.58
C LEU A 297 21.89 5.99 -0.92
N VAL A 298 23.07 6.48 -0.53
CA VAL A 298 24.33 5.75 -0.77
C VAL A 298 24.85 5.07 0.48
N ALA A 299 24.12 5.12 1.60
CA ALA A 299 24.52 4.40 2.80
C ALA A 299 24.31 2.89 2.61
N ASP A 300 25.32 2.10 2.99
CA ASP A 300 25.22 0.65 2.89
C ASP A 300 24.15 0.14 3.84
N ARG A 301 23.07 -0.42 3.29
CA ARG A 301 21.94 -0.94 4.08
C ARG A 301 21.33 0.15 4.97
N GLY A 302 21.46 1.42 4.56
CA GLY A 302 21.04 2.52 5.42
C GLY A 302 21.62 2.45 6.81
N ALA A 303 22.90 2.06 6.92
CA ALA A 303 23.48 1.84 8.24
C ALA A 303 23.76 3.15 8.96
N GLN A 304 24.34 4.14 8.27
CA GLN A 304 24.76 5.35 8.99
C GLN A 304 24.80 6.58 8.09
N VAL A 305 24.49 7.71 8.70
CA VAL A 305 24.73 9.02 8.12
CA VAL A 305 24.73 9.02 8.11
C VAL A 305 25.60 9.80 9.10
N ARG A 306 26.53 10.59 8.57
CA ARG A 306 27.48 11.29 9.41
C ARG A 306 27.20 12.78 9.42
N MET A 307 27.30 13.38 10.61
CA MET A 307 26.99 14.79 10.83
C MET A 307 28.24 15.49 11.31
N GLU A 308 28.82 16.33 10.46
CA GLU A 308 29.99 17.12 10.80
C GLU A 308 29.51 18.53 11.16
N PHE A 309 29.69 18.91 12.42
CA PHE A 309 29.20 20.18 12.94
C PHE A 309 30.38 21.10 13.17
N ALA A 310 30.33 22.31 12.61
CA ALA A 310 31.33 23.35 12.84
C ALA A 310 30.91 24.60 12.09
N ASP A 311 31.23 25.77 12.66
CA ASP A 311 31.21 27.04 11.92
C ASP A 311 29.84 27.35 11.35
N GLY A 312 28.82 27.27 12.18
CA GLY A 312 27.47 27.46 11.68
C GLY A 312 27.11 26.60 10.47
N MET A 313 27.74 25.44 10.32
CA MET A 313 27.43 24.57 9.19
C MET A 313 27.37 23.12 9.62
N LEU A 314 26.40 22.40 9.06
CA LEU A 314 26.27 20.96 9.22
C LEU A 314 26.57 20.33 7.88
N ARG A 315 27.62 19.53 7.82
CA ARG A 315 27.95 18.75 6.64
C ARG A 315 27.42 17.33 6.88
N LEU A 316 26.33 16.99 6.21
CA LEU A 316 25.70 15.69 6.32
C LEU A 316 26.24 14.81 5.21
N SER A 317 26.73 13.62 5.54
CA SER A 317 27.37 12.77 4.53
C SER A 317 27.07 11.29 4.77
N ALA A 318 27.32 10.50 3.72
CA ALA A 318 27.12 9.08 3.79
C ALA A 318 27.84 8.42 2.63
N GLY A 319 28.00 7.11 2.70
CA GLY A 319 28.48 6.32 1.58
C GLY A 319 29.93 5.91 1.71
N ALA A 320 30.42 5.30 0.63
CA ALA A 320 31.82 4.89 0.51
C ALA A 320 32.15 4.76 -0.98
N ASP A 321 33.44 4.60 -1.28
CA ASP A 321 33.90 4.59 -2.67
C ASP A 321 33.31 3.45 -3.49
N ASP A 322 32.86 2.37 -2.85
CA ASP A 322 32.38 1.21 -3.60
C ASP A 322 31.04 1.49 -4.27
N VAL A 323 30.13 2.17 -3.58
CA VAL A 323 28.79 2.40 -4.09
C VAL A 323 28.54 3.87 -4.43
N GLY A 324 29.18 4.79 -3.75
CA GLY A 324 28.99 6.21 -3.99
C GLY A 324 29.06 6.99 -2.69
N ARG A 325 29.42 8.27 -2.81
CA ARG A 325 29.50 9.14 -1.65
C ARG A 325 28.60 10.34 -1.85
N ALA A 326 28.06 10.85 -0.76
CA ALA A 326 27.12 11.97 -0.82
C ALA A 326 27.36 12.92 0.33
N GLU A 327 27.10 14.20 0.07
CA GLU A 327 27.18 15.19 1.12
C GLU A 327 26.19 16.29 0.79
N GLU A 328 25.51 16.79 1.82
CA GLU A 328 24.73 18.00 1.71
C GLU A 328 25.05 18.91 2.88
N ASP A 329 25.27 20.19 2.61
CA ASP A 329 25.59 21.17 3.64
C ASP A 329 24.39 22.05 3.91
N ILE A 330 23.93 22.09 5.17
CA ILE A 330 22.80 22.93 5.52
C ILE A 330 23.21 23.86 6.65
N ALA A 331 22.57 25.02 6.68
CA ALA A 331 22.93 26.00 7.69
C ALA A 331 22.30 25.63 9.02
N VAL A 332 23.08 25.78 10.09
CA VAL A 332 22.64 25.47 11.44
C VAL A 332 23.19 26.52 12.38
N GLU A 333 22.57 26.63 13.55
CA GLU A 333 23.19 27.33 14.66
C GLU A 333 24.06 26.32 15.40
N PHE A 334 25.31 26.67 15.69
CA PHE A 334 26.18 25.74 16.38
C PHE A 334 27.07 26.51 17.33
N ALA A 335 27.40 25.87 18.46
CA ALA A 335 28.31 26.45 19.43
C ALA A 335 28.96 25.34 20.23
N GLY A 336 30.18 25.58 20.70
CA GLY A 336 30.88 24.61 21.50
C GLY A 336 31.93 23.82 20.72
N GLN A 337 32.21 22.60 21.16
CA GLN A 337 33.29 21.82 20.59
C GLN A 337 32.82 21.17 19.29
N PRO A 338 33.40 21.51 18.14
CA PRO A 338 33.00 20.84 16.90
C PRO A 338 33.22 19.34 17.01
N LEU A 339 32.37 18.59 16.32
CA LEU A 339 32.46 17.13 16.37
C LEU A 339 31.82 16.55 15.14
N THR A 340 32.24 15.34 14.79
CA THR A 340 31.57 14.53 13.79
C THR A 340 30.96 13.32 14.50
N ILE A 341 29.67 13.11 14.29
CA ILE A 341 28.93 12.09 15.00
C ILE A 341 27.98 11.43 14.01
N ALA A 342 27.88 10.11 14.08
CA ALA A 342 27.14 9.35 13.08
C ALA A 342 25.95 8.67 13.73
N PHE A 343 24.89 8.45 12.95
CA PHE A 343 23.66 7.88 13.47
C PHE A 343 23.05 6.92 12.46
N ASN A 344 22.23 6.00 12.98
CA ASN A 344 21.22 5.31 12.20
C ASN A 344 20.24 6.33 11.62
N PRO A 345 20.15 6.48 10.30
CA PRO A 345 19.27 7.53 9.76
C PRO A 345 17.79 7.29 10.04
N THR A 346 17.33 6.05 10.12
CA THR A 346 15.94 5.79 10.52
C THR A 346 15.70 6.26 11.95
N TYR A 347 16.60 5.91 12.88
CA TYR A 347 16.42 6.33 14.26
C TYR A 347 16.46 7.85 14.37
N LEU A 348 17.28 8.51 13.54
CA LEU A 348 17.38 9.97 13.57
C LEU A 348 16.12 10.60 12.98
N ILE A 349 15.64 10.08 11.86
CA ILE A 349 14.38 10.59 11.31
C ILE A 349 13.25 10.38 12.31
N ASP A 350 13.22 9.22 12.95
CA ASP A 350 12.21 8.93 13.98
C ASP A 350 12.20 10.00 15.06
N GLY A 351 13.38 10.36 15.56
CA GLY A 351 13.45 11.39 16.59
C GLY A 351 12.98 12.74 16.09
N LEU A 352 13.49 13.16 14.92
CA LEU A 352 13.06 14.43 14.32
C LEU A 352 11.55 14.48 14.10
N ALA A 353 10.96 13.38 13.60
CA ALA A 353 9.51 13.34 13.39
C ALA A 353 8.72 13.40 14.69
N SER A 354 9.33 13.11 15.83
CA SER A 354 8.57 13.10 17.07
C SER A 354 8.55 14.46 17.78
N LEU A 355 9.31 15.44 17.29
CA LEU A 355 9.46 16.71 18.00
C LEU A 355 8.22 17.58 17.82
N HIS A 356 7.59 17.52 16.64
CA HIS A 356 6.41 18.31 16.30
C HIS A 356 6.68 19.81 16.41
N SER A 357 7.90 20.21 16.09
CA SER A 357 8.31 21.59 16.11
C SER A 357 9.03 21.90 14.80
N GLU A 358 9.14 23.20 14.53
CA GLU A 358 9.79 23.65 13.30
C GLU A 358 11.28 23.35 13.33
N ARG A 359 11.90 23.45 14.51
CA ARG A 359 13.33 23.28 14.60
C ARG A 359 13.67 22.25 15.67
N VAL A 360 14.87 21.71 15.57
CA VAL A 360 15.38 20.74 16.52
C VAL A 360 16.60 21.33 17.20
N SER A 361 16.70 21.13 18.50
CA SER A 361 17.90 21.49 19.24
C SER A 361 18.63 20.22 19.65
N PHE A 362 19.93 20.18 19.37
CA PHE A 362 20.78 19.05 19.71
C PHE A 362 21.66 19.44 20.89
N GLY A 363 21.89 18.48 21.79
CA GLY A 363 22.96 18.60 22.78
C GLY A 363 23.88 17.39 22.66
N PHE A 364 25.18 17.64 22.51
CA PHE A 364 26.19 16.59 22.35
C PHE A 364 27.20 16.62 23.49
N THR A 365 27.84 15.48 23.75
CA THR A 365 29.10 15.45 24.48
C THR A 365 30.23 15.01 23.55
N THR A 366 30.30 13.74 23.18
CA THR A 366 31.34 13.19 22.33
C THR A 366 30.71 12.37 21.23
N PRO A 367 31.48 12.00 20.19
CA PRO A 367 30.90 11.18 19.10
C PRO A 367 30.53 9.77 19.53
N GLY A 368 30.92 9.33 20.73
CA GLY A 368 30.56 8.02 21.21
C GLY A 368 29.45 8.02 22.25
N LYS A 369 28.84 9.15 22.55
CA LYS A 369 27.89 9.25 23.64
C LYS A 369 26.54 9.75 23.14
N PRO A 370 25.46 9.51 23.88
CA PRO A 370 24.12 9.83 23.35
C PRO A 370 23.99 11.29 22.95
N ALA A 371 23.18 11.52 21.91
CA ALA A 371 22.79 12.86 21.48
C ALA A 371 21.39 13.17 21.97
N LEU A 372 21.21 14.35 22.53
CA LEU A 372 19.91 14.76 23.03
C LEU A 372 19.24 15.66 21.99
N LEU A 373 18.04 15.28 21.54
CA LEU A 373 17.20 16.06 20.67
C LEU A 373 15.99 16.54 21.43
N ARG A 374 15.66 17.80 21.26
CA ARG A 374 14.46 18.37 21.87
C ARG A 374 13.84 19.36 20.90
N PRO A 375 12.54 19.64 21.05
CA PRO A 375 11.91 20.61 20.14
C PRO A 375 12.46 22.01 20.37
N ALA A 376 12.53 22.78 19.29
CA ALA A 376 12.94 24.18 19.38
C ALA A 376 11.94 25.10 18.67
N ASP A 388 28.95 30.74 26.25
CA ASP A 388 29.27 31.21 24.91
C ASP A 388 29.81 30.06 24.09
N GLN A 389 30.94 29.51 24.54
CA GLN A 389 31.50 28.32 23.90
C GLN A 389 31.34 27.06 24.74
N GLY A 390 30.62 27.13 25.86
CA GLY A 390 30.32 25.95 26.63
C GLY A 390 31.04 25.86 27.95
N PRO A 391 30.81 24.77 28.71
CA PRO A 391 29.80 23.75 28.43
C PRO A 391 28.40 24.33 28.64
N PHE A 392 27.37 23.66 28.12
CA PHE A 392 26.02 24.20 28.08
C PHE A 392 25.13 23.37 29.00
N ALA A 393 24.51 24.03 29.97
CA ALA A 393 23.59 23.33 30.85
C ALA A 393 22.42 22.75 30.05
N ALA A 394 21.96 21.58 30.47
CA ALA A 394 20.78 21.01 29.85
C ALA A 394 19.58 21.91 30.09
N VAL A 395 18.73 22.03 29.07
CA VAL A 395 17.62 22.98 29.06
C VAL A 395 16.35 22.22 29.42
N PRO A 396 15.57 22.67 30.40
CA PRO A 396 14.31 21.98 30.71
C PRO A 396 13.35 22.00 29.52
N THR A 397 12.68 20.88 29.30
CA THR A 397 11.77 20.75 28.17
C THR A 397 10.76 19.67 28.53
N ASP A 398 9.68 19.61 27.77
CA ASP A 398 8.69 18.56 28.04
C ASP A 398 8.92 17.30 27.23
N TYR A 399 9.82 17.34 26.24
CA TYR A 399 10.08 16.17 25.42
C TYR A 399 11.57 16.08 25.10
N VAL A 400 12.16 14.91 25.32
CA VAL A 400 13.51 14.62 24.87
C VAL A 400 13.48 13.30 24.12
N TYR A 401 14.29 13.22 23.08
CA TYR A 401 14.57 11.98 22.35
C TYR A 401 16.08 11.83 22.37
N LEU A 402 16.56 10.88 23.17
CA LEU A 402 17.99 10.62 23.33
C LEU A 402 18.39 9.48 22.39
N LEU A 403 19.38 9.71 21.55
CA LEU A 403 19.74 8.77 20.49
C LEU A 403 21.21 8.42 20.60
N MET A 404 21.49 7.13 20.74
CA MET A 404 22.87 6.68 20.75
C MET A 404 23.47 6.77 19.34
N PRO A 405 24.69 7.27 19.21
CA PRO A 405 25.37 7.24 17.89
C PRO A 405 25.83 5.83 17.53
N VAL A 406 26.22 5.68 16.26
CA VAL A 406 26.95 4.52 15.81
C VAL A 406 28.42 4.91 15.68
N ARG A 407 29.30 3.90 15.71
CA ARG A 407 30.75 4.13 15.67
C ARG A 407 31.24 4.38 14.25
N LEU A 408 32.14 5.34 14.11
CA LEU A 408 32.75 5.66 12.83
C LEU A 408 33.98 4.81 12.53
N THR B 19 36.94 12.21 -24.77
CA THR B 19 36.40 13.36 -24.06
C THR B 19 35.50 12.93 -22.89
N ASP B 20 35.58 13.65 -21.77
CA ASP B 20 34.80 13.36 -20.58
C ASP B 20 33.46 14.09 -20.64
N LEU B 21 32.37 13.34 -20.40
CA LEU B 21 31.03 13.91 -20.45
C LEU B 21 30.80 14.92 -19.34
N LYS B 22 30.22 16.06 -19.69
CA LYS B 22 29.93 17.11 -18.72
C LYS B 22 28.71 17.86 -19.19
N PHE B 23 27.66 17.91 -18.37
CA PHE B 23 26.43 18.57 -18.82
C PHE B 23 25.68 19.14 -17.62
N ARG B 24 24.68 19.97 -17.94
CA ARG B 24 23.76 20.52 -16.96
C ARG B 24 22.35 20.47 -17.52
N LEU B 25 21.37 20.15 -16.67
CA LEU B 25 19.96 20.23 -17.08
C LEU B 25 19.08 20.34 -15.85
N VAL B 26 17.79 20.61 -16.09
CA VAL B 26 16.84 20.84 -15.00
C VAL B 26 16.52 19.51 -14.33
N ARG B 27 16.39 19.53 -13.00
CA ARG B 27 16.29 18.28 -12.25
C ARG B 27 15.08 17.44 -12.66
N GLU B 28 13.90 18.08 -12.76
CA GLU B 28 12.69 17.31 -13.06
C GLU B 28 12.84 16.53 -14.36
N SER B 29 13.43 17.15 -15.38
CA SER B 29 13.59 16.47 -16.66
C SER B 29 14.56 15.30 -16.54
N PHE B 30 15.70 15.53 -15.88
CA PHE B 30 16.66 14.46 -15.62
C PHE B 30 16.00 13.30 -14.88
N ALA B 31 15.31 13.61 -13.79
CA ALA B 31 14.74 12.58 -12.93
C ALA B 31 13.70 11.74 -13.68
N ASP B 32 12.79 12.39 -14.40
CA ASP B 32 11.78 11.65 -15.16
C ASP B 32 12.43 10.74 -16.21
N ALA B 33 13.39 11.28 -16.97
CA ALA B 33 14.03 10.49 -18.01
C ALA B 33 14.77 9.30 -17.41
N VAL B 34 15.62 9.54 -16.40
CA VAL B 34 16.38 8.43 -15.80
C VAL B 34 15.42 7.40 -15.19
N SER B 35 14.42 7.87 -14.44
CA SER B 35 13.50 6.95 -13.77
C SER B 35 12.75 6.08 -14.78
N TRP B 36 12.38 6.66 -15.92
CA TRP B 36 11.67 5.92 -16.96
C TRP B 36 12.55 4.81 -17.54
N VAL B 37 13.85 5.09 -17.74
CA VAL B 37 14.72 4.04 -18.24
C VAL B 37 15.01 3.03 -17.15
N ALA B 38 15.21 3.51 -15.91
CA ALA B 38 15.63 2.60 -14.84
C ALA B 38 14.53 1.65 -14.38
N LYS B 39 13.25 1.97 -14.64
CA LYS B 39 12.17 1.10 -14.19
C LYS B 39 12.31 -0.33 -14.71
N ASN B 40 12.93 -0.52 -15.87
CA ASN B 40 13.01 -1.85 -16.47
C ASN B 40 14.24 -2.64 -16.03
N LEU B 41 15.14 -2.06 -15.23
CA LEU B 41 16.36 -2.77 -14.87
C LEU B 41 16.06 -3.83 -13.82
N PRO B 42 16.81 -4.93 -13.82
CA PRO B 42 16.61 -5.95 -12.79
C PRO B 42 16.87 -5.37 -11.41
N THR B 43 16.08 -5.81 -10.44
CA THR B 43 16.33 -5.42 -9.06
C THR B 43 17.45 -6.23 -8.43
N ARG B 44 17.75 -7.41 -8.98
CA ARG B 44 18.91 -8.22 -8.59
C ARG B 44 19.70 -8.53 -9.86
N PRO B 45 20.49 -7.58 -10.34
CA PRO B 45 21.29 -7.83 -11.54
C PRO B 45 22.41 -8.84 -11.28
N ALA B 46 22.58 -9.76 -12.24
CA ALA B 46 23.58 -10.81 -12.10
C ALA B 46 24.98 -10.24 -11.98
N VAL B 47 25.29 -9.20 -12.76
CA VAL B 47 26.60 -8.56 -12.72
C VAL B 47 26.36 -7.05 -12.70
N PRO B 48 27.27 -6.27 -12.11
CA PRO B 48 27.02 -4.83 -11.95
C PRO B 48 26.67 -4.09 -13.25
N VAL B 49 27.29 -4.48 -14.37
CA VAL B 49 27.03 -3.77 -15.61
C VAL B 49 25.56 -3.78 -15.97
N LEU B 50 24.84 -4.84 -15.58
CA LEU B 50 23.41 -4.91 -15.82
C LEU B 50 22.60 -3.99 -14.92
N SER B 51 23.18 -3.47 -13.85
CA SER B 51 22.49 -2.43 -13.08
C SER B 51 22.69 -1.04 -13.69
N GLY B 52 23.47 -0.92 -14.77
CA GLY B 52 23.83 0.40 -15.26
C GLY B 52 22.83 0.99 -16.25
N VAL B 53 22.85 2.32 -16.34
CA VAL B 53 22.26 3.02 -17.48
C VAL B 53 23.38 3.81 -18.14
N LEU B 54 23.28 3.93 -19.44
CA LEU B 54 24.23 4.63 -20.28
C LEU B 54 23.75 6.06 -20.48
N LEU B 55 24.61 7.04 -20.23
CA LEU B 55 24.31 8.43 -20.48
C LEU B 55 25.23 8.92 -21.57
N THR B 56 24.66 9.47 -22.64
CA THR B 56 25.45 9.95 -23.78
C THR B 56 25.03 11.37 -24.10
N GLY B 57 25.99 12.28 -24.07
CA GLY B 57 25.75 13.69 -24.31
C GLY B 57 26.40 14.13 -25.62
N SER B 58 25.62 14.83 -26.44
CA SER B 58 26.12 15.41 -27.68
C SER B 58 25.12 16.47 -28.16
N ASP B 59 25.61 17.39 -28.98
CA ASP B 59 24.81 18.37 -29.74
C ASP B 59 23.52 18.78 -29.03
N GLU B 60 23.65 19.36 -27.83
CA GLU B 60 22.56 19.95 -27.06
C GLU B 60 21.54 18.92 -26.57
N GLY B 61 21.91 17.65 -26.47
CA GLY B 61 21.01 16.61 -26.01
C GLY B 61 21.70 15.57 -25.16
N LEU B 62 20.93 14.97 -24.26
CA LEU B 62 21.39 13.87 -23.42
C LEU B 62 20.51 12.67 -23.68
N THR B 63 21.12 11.56 -24.11
CA THR B 63 20.43 10.30 -24.27
C THR B 63 20.74 9.40 -23.09
N ILE B 64 19.71 8.78 -22.53
CA ILE B 64 19.83 7.85 -21.42
C ILE B 64 19.30 6.51 -21.90
N SER B 65 20.11 5.45 -21.79
CA SER B 65 19.79 4.16 -22.38
C SER B 65 19.91 3.05 -21.33
N GLY B 66 19.01 2.08 -21.43
CA GLY B 66 19.02 0.95 -20.52
C GLY B 66 18.76 -0.37 -21.23
N PHE B 67 19.60 -1.37 -20.97
CA PHE B 67 19.43 -2.69 -21.53
C PHE B 67 18.82 -3.62 -20.50
N ASP B 68 17.93 -4.48 -20.96
CA ASP B 68 17.51 -5.65 -20.20
C ASP B 68 17.17 -6.71 -21.23
N TYR B 69 17.28 -7.98 -20.83
CA TYR B 69 17.15 -9.05 -21.81
C TYR B 69 15.78 -9.08 -22.49
N GLU B 70 14.75 -8.59 -21.81
CA GLU B 70 13.41 -8.56 -22.39
C GLU B 70 13.03 -7.19 -22.94
N VAL B 71 13.26 -6.13 -22.17
CA VAL B 71 12.94 -4.76 -22.55
C VAL B 71 14.19 -3.90 -22.51
N SER B 72 14.47 -3.21 -23.61
CA SER B 72 15.46 -2.13 -23.63
C SER B 72 14.75 -0.81 -23.90
N ALA B 73 15.38 0.29 -23.46
CA ALA B 73 14.72 1.59 -23.56
C ALA B 73 15.75 2.71 -23.61
N GLU B 74 15.33 3.82 -24.20
CA GLU B 74 16.20 4.92 -24.54
C GLU B 74 15.37 6.20 -24.54
N VAL B 75 15.91 7.27 -23.95
CA VAL B 75 15.21 8.55 -23.90
C VAL B 75 16.22 9.65 -24.18
N ARG B 76 15.80 10.67 -24.91
CA ARG B 76 16.61 11.84 -25.19
C ARG B 76 15.89 13.06 -24.67
N VAL B 77 16.58 13.89 -23.90
CA VAL B 77 16.02 15.15 -23.41
C VAL B 77 17.01 16.26 -23.72
N PRO B 78 16.58 17.52 -23.83
CA PRO B 78 17.53 18.61 -24.03
C PRO B 78 18.41 18.79 -22.81
N ALA B 79 19.61 19.29 -23.05
CA ALA B 79 20.59 19.48 -21.99
C ALA B 79 21.65 20.43 -22.48
N GLU B 80 22.19 21.24 -21.58
CA GLU B 80 23.35 22.06 -21.92
C GLU B 80 24.58 21.15 -21.80
N ILE B 81 25.10 20.73 -22.94
CA ILE B 81 26.28 19.87 -22.99
C ILE B 81 27.51 20.75 -23.03
N ALA B 82 28.27 20.75 -21.94
CA ALA B 82 29.54 21.47 -21.92
C ALA B 82 30.63 20.67 -22.60
N SER B 83 30.60 19.34 -22.51
CA SER B 83 31.60 18.49 -23.12
C SER B 83 30.92 17.18 -23.49
N PRO B 84 31.02 16.73 -24.74
CA PRO B 84 30.34 15.49 -25.12
C PRO B 84 31.00 14.27 -24.52
N GLY B 85 30.24 13.18 -24.42
CA GLY B 85 30.81 11.93 -23.98
C GLY B 85 29.76 10.92 -23.58
N THR B 86 30.24 9.77 -23.10
CA THR B 86 29.38 8.69 -22.66
C THR B 86 29.93 8.11 -21.36
N VAL B 87 29.02 7.63 -20.50
CA VAL B 87 29.38 7.07 -19.21
C VAL B 87 28.29 6.07 -18.80
N LEU B 88 28.67 5.13 -17.94
CA LEU B 88 27.76 4.09 -17.46
C LEU B 88 27.76 4.11 -15.93
N VAL B 89 26.58 4.31 -15.33
CA VAL B 89 26.43 4.38 -13.87
C VAL B 89 25.16 3.63 -13.47
N SER B 90 25.05 3.35 -12.18
CA SER B 90 23.93 2.60 -11.64
C SER B 90 22.61 3.35 -11.85
N GLY B 91 21.67 2.71 -12.57
CA GLY B 91 20.46 3.42 -12.98
C GLY B 91 19.47 3.66 -11.83
N ARG B 92 19.19 2.60 -11.05
CA ARG B 92 18.24 2.74 -9.95
C ARG B 92 18.72 3.76 -8.92
N LEU B 93 20.00 3.67 -8.55
CA LEU B 93 20.57 4.64 -7.63
C LEU B 93 20.49 6.06 -8.21
N LEU B 94 20.88 6.23 -9.48
CA LEU B 94 20.78 7.55 -10.08
C LEU B 94 19.32 8.03 -10.10
N SER B 95 18.39 7.12 -10.37
CA SER B 95 16.98 7.49 -10.38
C SER B 95 16.55 7.96 -8.99
N ASP B 96 16.91 7.20 -7.94
CA ASP B 96 16.58 7.61 -6.57
C ASP B 96 17.20 8.97 -6.21
N ILE B 97 18.46 9.19 -6.59
CA ILE B 97 19.13 10.45 -6.25
C ILE B 97 18.45 11.63 -6.93
N THR B 98 18.27 11.55 -8.27
CA THR B 98 17.76 12.70 -9.00
C THR B 98 16.33 13.04 -8.60
N ARG B 99 15.55 12.04 -8.19
CA ARG B 99 14.20 12.32 -7.73
C ARG B 99 14.19 13.07 -6.41
N ALA B 100 15.27 13.01 -5.63
CA ALA B 100 15.31 13.62 -4.31
C ALA B 100 16.24 14.84 -4.22
N LEU B 101 16.89 15.22 -5.31
CA LEU B 101 17.79 16.37 -5.29
C LEU B 101 17.00 17.66 -5.11
N PRO B 102 17.65 18.73 -4.66
CA PRO B 102 16.98 20.05 -4.63
C PRO B 102 16.51 20.46 -6.01
N ASN B 103 15.56 21.40 -6.03
CA ASN B 103 15.04 21.94 -7.29
C ASN B 103 15.95 23.05 -7.80
N LYS B 104 17.15 22.65 -8.20
CA LYS B 104 18.17 23.51 -8.77
C LYS B 104 18.69 22.85 -10.03
N PRO B 105 19.42 23.59 -10.87
CA PRO B 105 20.06 22.94 -12.02
C PRO B 105 20.99 21.83 -11.52
N VAL B 106 21.03 20.72 -12.26
CA VAL B 106 21.88 19.58 -11.94
C VAL B 106 23.10 19.63 -12.84
N ASP B 107 24.28 19.71 -12.24
CA ASP B 107 25.55 19.62 -12.96
C ASP B 107 26.12 18.22 -12.80
N PHE B 108 26.66 17.70 -13.87
CA PHE B 108 27.09 16.31 -13.95
C PHE B 108 28.37 16.33 -14.76
N TYR B 109 29.48 15.91 -14.15
CA TYR B 109 30.70 15.78 -14.93
C TYR B 109 31.42 14.49 -14.55
N VAL B 110 31.98 13.85 -15.56
CA VAL B 110 32.79 12.65 -15.39
C VAL B 110 34.23 13.08 -15.22
N ASP B 111 34.86 12.65 -14.13
CA ASP B 111 36.27 12.91 -13.89
C ASP B 111 36.98 11.58 -13.73
N GLY B 112 37.49 11.06 -14.83
CA GLY B 112 38.14 9.77 -14.83
C GLY B 112 37.13 8.65 -14.73
N ASN B 113 37.21 7.86 -13.66
CA ASN B 113 36.30 6.75 -13.45
C ASN B 113 35.22 7.07 -12.43
N ARG B 114 35.00 8.34 -12.16
CA ARG B 114 33.97 8.74 -11.22
C ARG B 114 33.18 9.90 -11.78
N VAL B 115 31.92 9.95 -11.38
CA VAL B 115 30.99 11.00 -11.76
C VAL B 115 30.79 11.92 -10.57
N ALA B 116 30.89 13.23 -10.81
CA ALA B 116 30.59 14.23 -9.79
C ALA B 116 29.26 14.86 -10.16
N LEU B 117 28.27 14.70 -9.30
CA LEU B 117 26.94 15.22 -9.51
C LEU B 117 26.70 16.27 -8.43
N THR B 118 26.41 17.51 -8.85
CA THR B 118 26.22 18.61 -7.92
C THR B 118 24.91 19.29 -8.21
N CYS B 119 24.19 19.63 -7.14
CA CYS B 119 22.87 20.24 -7.28
C CYS B 119 22.57 21.02 -6.02
N GLY B 120 22.43 22.35 -6.15
CA GLY B 120 22.26 23.21 -5.01
C GLY B 120 23.33 22.96 -3.95
N ASN B 121 22.92 22.62 -2.73
CA ASN B 121 23.88 22.37 -1.65
C ASN B 121 24.27 20.89 -1.53
N ALA B 122 23.94 20.07 -2.51
CA ALA B 122 24.17 18.63 -2.47
C ALA B 122 25.28 18.25 -3.44
N ARG B 123 26.09 17.26 -3.05
CA ARG B 123 27.14 16.74 -3.93
C ARG B 123 27.20 15.22 -3.80
N PHE B 124 27.18 14.53 -4.94
CA PHE B 124 27.35 13.09 -4.99
C PHE B 124 28.57 12.77 -5.83
N SER B 125 29.27 11.71 -5.45
CA SER B 125 30.39 11.16 -6.21
C SER B 125 30.07 9.69 -6.49
N LEU B 126 29.83 9.34 -7.78
CA LEU B 126 29.41 7.99 -8.10
C LEU B 126 30.48 7.24 -8.89
N PRO B 127 30.68 5.95 -8.62
CA PRO B 127 31.57 5.16 -9.47
C PRO B 127 30.93 4.91 -10.82
N THR B 128 31.76 4.68 -11.83
CA THR B 128 31.31 4.37 -13.17
C THR B 128 31.69 2.94 -13.52
N MET B 129 31.11 2.42 -14.59
CA MET B 129 31.46 1.09 -15.07
C MET B 129 31.95 1.18 -16.51
N ALA B 130 32.44 0.04 -17.01
CA ALA B 130 33.10 0.01 -18.32
C ALA B 130 32.03 0.08 -19.41
N VAL B 131 31.98 1.20 -20.12
CA VAL B 131 31.00 1.41 -21.18
C VAL B 131 31.05 0.28 -22.20
N GLU B 132 32.25 -0.18 -22.53
CA GLU B 132 32.39 -1.20 -23.57
C GLU B 132 31.78 -2.54 -23.17
N ASP B 133 31.46 -2.76 -21.90
CA ASP B 133 30.88 -4.02 -21.44
C ASP B 133 29.35 -3.99 -21.40
N TYR B 134 28.74 -2.85 -21.65
CA TYR B 134 27.29 -2.79 -21.65
C TYR B 134 26.77 -3.45 -22.91
N PRO B 135 25.81 -4.36 -22.80
CA PRO B 135 25.27 -5.01 -24.01
C PRO B 135 24.64 -4.00 -24.95
N THR B 136 24.61 -4.34 -26.23
CA THR B 136 24.10 -3.42 -27.24
C THR B 136 22.57 -3.44 -27.26
N LEU B 137 21.97 -2.27 -27.33
CA LEU B 137 20.52 -2.18 -27.39
C LEU B 137 20.05 -2.58 -28.78
N PRO B 138 18.95 -3.32 -28.89
CA PRO B 138 18.50 -3.74 -30.21
C PRO B 138 17.95 -2.57 -31.00
N THR B 139 18.18 -2.62 -32.30
CA THR B 139 17.65 -1.61 -33.22
CA THR B 139 17.65 -1.58 -33.18
C THR B 139 16.14 -1.75 -33.35
N LEU B 140 15.43 -0.63 -33.32
CA LEU B 140 13.98 -0.69 -33.53
C LEU B 140 13.68 -1.18 -34.95
N PRO B 141 12.74 -2.10 -35.11
CA PRO B 141 12.29 -2.47 -36.46
C PRO B 141 11.69 -1.26 -37.16
N GLU B 142 11.48 -1.43 -38.47
CA GLU B 142 10.77 -0.44 -39.26
C GLU B 142 9.42 -0.12 -38.63
N ASP B 143 9.02 1.15 -38.74
CA ASP B 143 7.72 1.58 -38.20
C ASP B 143 6.58 0.85 -38.89
N THR B 144 5.57 0.49 -38.11
CA THR B 144 4.41 -0.24 -38.63
C THR B 144 3.14 0.59 -38.65
N GLY B 145 2.86 1.33 -37.58
CA GLY B 145 1.68 2.18 -37.55
C GLY B 145 1.65 2.97 -36.27
N THR B 146 0.69 3.89 -36.18
CA THR B 146 0.52 4.79 -35.06
C THR B 146 -0.92 4.80 -34.57
N LEU B 147 -1.09 5.19 -33.30
CA LEU B 147 -2.40 5.36 -32.69
C LEU B 147 -2.23 6.22 -31.45
N PRO B 148 -3.32 6.79 -30.91
CA PRO B 148 -3.17 7.63 -29.72
C PRO B 148 -2.68 6.81 -28.53
N ALA B 149 -1.79 7.44 -27.74
CA ALA B 149 -1.27 6.80 -26.54
C ALA B 149 -2.39 6.36 -25.59
N GLU B 150 -3.40 7.22 -25.42
CA GLU B 150 -4.52 6.90 -24.54
C GLU B 150 -5.21 5.61 -24.98
N LEU B 151 -5.49 5.49 -26.28
CA LEU B 151 -6.16 4.30 -26.79
C LEU B 151 -5.31 3.06 -26.58
N PHE B 152 -4.00 3.19 -26.81
CA PHE B 152 -3.12 2.03 -26.70
C PHE B 152 -3.06 1.53 -25.25
N SER B 153 -2.86 2.44 -24.30
CA SER B 153 -2.78 2.04 -22.90
C SER B 153 -4.09 1.44 -22.43
N GLU B 154 -5.22 2.02 -22.84
CA GLU B 154 -6.50 1.47 -22.41
C GLU B 154 -6.71 0.05 -22.95
N ALA B 155 -6.47 -0.14 -24.25
CA ALA B 155 -6.70 -1.44 -24.87
C ALA B 155 -5.82 -2.52 -24.25
N ILE B 156 -4.55 -2.20 -24.00
CA ILE B 156 -3.64 -3.14 -23.35
C ILE B 156 -4.13 -3.46 -21.96
N GLY B 157 -4.50 -2.42 -21.20
CA GLY B 157 -4.99 -2.63 -19.85
C GLY B 157 -6.20 -3.53 -19.82
N GLN B 158 -7.08 -3.39 -20.81
CA GLN B 158 -8.30 -4.20 -20.87
C GLN B 158 -8.01 -5.68 -21.00
N VAL B 159 -7.08 -6.05 -21.90
CA VAL B 159 -6.87 -7.48 -22.14
C VAL B 159 -5.81 -8.06 -21.21
N ALA B 160 -4.88 -7.23 -20.74
CA ALA B 160 -3.78 -7.75 -19.93
C ALA B 160 -4.29 -8.46 -18.69
N ILE B 161 -5.45 -8.06 -18.18
CA ILE B 161 -5.97 -8.69 -16.97
C ILE B 161 -6.23 -10.18 -17.18
N ALA B 162 -6.46 -10.62 -18.42
CA ALA B 162 -6.81 -12.01 -18.68
C ALA B 162 -5.62 -12.93 -18.92
N ALA B 163 -4.41 -12.38 -19.05
CA ALA B 163 -3.22 -13.17 -19.33
C ALA B 163 -2.87 -14.08 -18.16
N GLY B 164 -2.37 -15.27 -18.49
CA GLY B 164 -1.80 -16.13 -17.48
C GLY B 164 -0.54 -15.52 -16.91
N ARG B 165 -0.17 -15.96 -15.72
CA ARG B 165 1.02 -15.43 -15.06
C ARG B 165 1.97 -16.55 -14.65
N ASP B 166 1.90 -17.68 -15.33
CA ASP B 166 2.67 -18.87 -14.97
C ASP B 166 3.60 -19.20 -16.13
N ASP B 167 4.91 -19.02 -15.91
CA ASP B 167 5.90 -19.26 -16.95
C ASP B 167 5.92 -20.70 -17.46
N THR B 168 5.38 -21.66 -16.70
CA THR B 168 5.33 -23.03 -17.18
C THR B 168 4.28 -23.24 -18.25
N LEU B 169 3.36 -22.28 -18.43
CA LEU B 169 2.38 -22.28 -19.52
C LEU B 169 2.61 -21.04 -20.36
N PRO B 170 3.75 -20.95 -21.05
CA PRO B 170 4.15 -19.66 -21.64
C PRO B 170 3.19 -19.19 -22.71
N MET B 171 2.47 -20.10 -23.35
CA MET B 171 1.49 -19.74 -24.36
C MET B 171 0.33 -18.92 -23.79
N LEU B 172 0.24 -18.78 -22.46
CA LEU B 172 -0.79 -17.99 -21.79
C LEU B 172 -0.27 -16.66 -21.27
N THR B 173 1.05 -16.46 -21.24
CA THR B 173 1.63 -15.30 -20.60
C THR B 173 1.77 -14.10 -21.53
N GLY B 174 1.23 -14.17 -22.74
CA GLY B 174 1.36 -13.10 -23.70
C GLY B 174 0.06 -12.32 -23.93
N ILE B 175 0.21 -11.22 -24.65
CA ILE B 175 -0.90 -10.56 -25.34
C ILE B 175 -0.67 -10.76 -26.82
N ARG B 176 -1.66 -11.32 -27.51
CA ARG B 176 -1.61 -11.46 -28.96
C ARG B 176 -1.95 -10.14 -29.62
N VAL B 177 -1.14 -9.76 -30.61
CA VAL B 177 -1.39 -8.56 -31.40
C VAL B 177 -1.57 -9.00 -32.85
N GLU B 178 -2.80 -8.91 -33.34
CA GLU B 178 -3.13 -9.19 -34.72
C GLU B 178 -3.29 -7.86 -35.45
N ILE B 179 -2.72 -7.77 -36.65
CA ILE B 179 -2.83 -6.58 -37.48
C ILE B 179 -3.29 -7.00 -38.85
N SER B 180 -4.35 -6.35 -39.33
CA SER B 180 -4.85 -6.57 -40.68
C SER B 180 -5.13 -5.20 -41.25
N GLY B 181 -4.15 -4.61 -41.92
CA GLY B 181 -4.32 -3.27 -42.46
C GLY B 181 -4.52 -2.28 -41.33
N GLU B 182 -5.66 -1.57 -41.37
CA GLU B 182 -5.96 -0.60 -40.33
C GLU B 182 -6.56 -1.23 -39.08
N LYS B 183 -6.75 -2.54 -39.05
CA LYS B 183 -7.47 -3.21 -37.96
C LYS B 183 -6.48 -3.91 -37.06
N VAL B 184 -6.54 -3.63 -35.76
CA VAL B 184 -5.70 -4.27 -34.76
C VAL B 184 -6.59 -5.04 -33.80
N VAL B 185 -6.20 -6.26 -33.47
CA VAL B 185 -6.86 -7.08 -32.46
C VAL B 185 -5.83 -7.43 -31.38
N LEU B 186 -6.18 -7.16 -30.13
CA LEU B 186 -5.43 -7.62 -28.96
C LEU B 186 -6.22 -8.69 -28.22
N ALA B 187 -5.54 -9.75 -27.79
CA ALA B 187 -6.22 -10.85 -27.11
C ALA B 187 -5.34 -11.44 -26.03
N ALA B 188 -5.96 -11.92 -24.95
CA ALA B 188 -5.23 -12.60 -23.88
C ALA B 188 -6.14 -13.62 -23.21
N THR B 189 -5.55 -14.72 -22.75
CA THR B 189 -6.33 -15.71 -22.04
C THR B 189 -5.45 -16.42 -21.05
N ASP B 190 -6.08 -16.94 -19.99
CA ASP B 190 -5.40 -17.81 -19.04
C ASP B 190 -6.09 -19.16 -18.95
N ARG B 191 -6.92 -19.48 -19.95
CA ARG B 191 -7.80 -20.64 -20.08
C ARG B 191 -9.11 -20.49 -19.30
N PHE B 192 -9.25 -19.48 -18.44
CA PHE B 192 -10.50 -19.29 -17.71
C PHE B 192 -11.28 -18.08 -18.18
N ARG B 193 -10.60 -16.99 -18.52
CA ARG B 193 -11.19 -15.86 -19.23
C ARG B 193 -10.40 -15.60 -20.51
N LEU B 194 -11.09 -15.05 -21.50
CA LEU B 194 -10.48 -14.59 -22.74
C LEU B 194 -10.93 -13.16 -22.98
N ALA B 195 -9.98 -12.25 -23.18
CA ALA B 195 -10.28 -10.85 -23.43
C ALA B 195 -9.82 -10.50 -24.84
N VAL B 196 -10.71 -9.91 -25.65
CA VAL B 196 -10.40 -9.55 -27.03
C VAL B 196 -10.82 -8.11 -27.25
N ARG B 197 -9.90 -7.26 -27.70
CA ARG B 197 -10.17 -5.86 -27.96
C ARG B 197 -9.78 -5.52 -29.39
N GLU B 198 -10.73 -5.00 -30.15
CA GLU B 198 -10.46 -4.56 -31.51
C GLU B 198 -10.40 -3.05 -31.51
N LEU B 199 -9.52 -2.50 -32.35
CA LEU B 199 -9.39 -1.07 -32.54
C LEU B 199 -8.87 -0.82 -33.95
N THR B 200 -8.99 0.42 -34.40
CA THR B 200 -8.39 0.88 -35.65
C THR B 200 -7.21 1.78 -35.35
N TRP B 201 -6.20 1.73 -36.20
CA TRP B 201 -5.02 2.57 -36.04
C TRP B 201 -4.64 3.13 -37.41
N ASN B 202 -3.48 3.77 -37.49
CA ASN B 202 -3.01 4.35 -38.75
C ASN B 202 -1.82 3.52 -39.19
N ALA B 203 -2.03 2.59 -40.12
CA ALA B 203 -0.94 1.78 -40.62
C ALA B 203 -0.03 2.63 -41.50
N LEU B 204 1.25 2.28 -41.55
CA LEU B 204 2.22 3.07 -42.29
C LEU B 204 2.72 2.40 -43.58
N SER B 205 2.24 1.20 -43.89
CA SER B 205 2.57 0.52 -45.13
C SER B 205 1.42 -0.40 -45.51
N PRO B 206 1.29 -0.75 -46.79
CA PRO B 206 0.22 -1.68 -47.20
C PRO B 206 0.62 -3.11 -46.92
N ASP B 207 -0.37 -4.00 -47.06
CA ASP B 207 -0.16 -5.44 -47.02
C ASP B 207 0.25 -5.96 -45.65
N ILE B 208 -0.09 -5.26 -44.58
CA ILE B 208 0.24 -5.75 -43.25
C ILE B 208 -0.83 -6.76 -42.84
N GLU B 209 -0.43 -8.01 -42.67
CA GLU B 209 -1.34 -9.07 -42.27
C GLU B 209 -0.52 -10.03 -41.40
N ALA B 210 -0.55 -9.80 -40.10
CA ALA B 210 0.35 -10.54 -39.22
C ALA B 210 -0.19 -10.61 -37.80
N ALA B 211 0.41 -11.49 -37.02
CA ALA B 211 0.09 -11.65 -35.61
C ALA B 211 1.37 -11.97 -34.86
N VAL B 212 1.56 -11.33 -33.71
CA VAL B 212 2.70 -11.60 -32.84
C VAL B 212 2.20 -11.79 -31.42
N LEU B 213 3.11 -12.21 -30.55
CA LEU B 213 2.81 -12.47 -29.15
C LEU B 213 3.83 -11.71 -28.29
N VAL B 214 3.36 -10.82 -27.45
CA VAL B 214 4.19 -9.95 -26.63
C VAL B 214 4.00 -10.33 -25.17
N PRO B 215 5.05 -10.47 -24.37
CA PRO B 215 4.86 -10.80 -22.95
C PRO B 215 3.95 -9.78 -22.27
N ALA B 216 2.92 -10.29 -21.61
CA ALA B 216 1.85 -9.44 -21.09
C ALA B 216 2.31 -8.54 -19.95
N LYS B 217 3.13 -9.06 -19.05
CA LYS B 217 3.51 -8.30 -17.86
C LYS B 217 4.28 -7.05 -18.25
N THR B 218 5.25 -7.21 -19.15
CA THR B 218 5.95 -6.12 -19.81
C THR B 218 4.98 -5.08 -20.37
N LEU B 219 4.29 -5.45 -21.44
CA LEU B 219 3.47 -4.52 -22.19
C LEU B 219 2.41 -3.88 -21.31
N GLY B 220 1.91 -4.63 -20.32
CA GLY B 220 0.85 -4.10 -19.46
C GLY B 220 1.34 -2.98 -18.57
N GLU B 221 2.45 -3.22 -17.86
CA GLU B 221 2.99 -2.20 -16.97
C GLU B 221 3.41 -0.95 -17.75
N ALA B 222 3.96 -1.13 -18.95
CA ALA B 222 4.33 -0.01 -19.80
C ALA B 222 3.14 0.87 -20.16
N ALA B 223 1.92 0.34 -20.07
CA ALA B 223 0.70 1.12 -20.33
C ALA B 223 0.33 1.93 -19.09
N LYS B 224 1.19 2.90 -18.78
CA LYS B 224 0.98 3.81 -17.64
C LYS B 224 1.98 4.96 -17.68
N ASP B 228 1.33 8.95 -19.97
CA ASP B 228 0.71 9.99 -20.78
C ASP B 228 1.52 10.28 -22.05
N GLY B 229 0.83 10.68 -23.12
CA GLY B 229 1.53 10.98 -24.34
C GLY B 229 0.59 11.51 -25.41
N SER B 230 1.17 11.79 -26.57
CA SER B 230 0.41 12.20 -27.74
C SER B 230 0.01 10.97 -28.56
N GLU B 231 0.83 10.63 -29.55
CA GLU B 231 0.63 9.46 -30.39
C GLU B 231 1.77 8.48 -30.15
N VAL B 232 1.45 7.20 -30.12
CA VAL B 232 2.43 6.14 -29.97
CA VAL B 232 2.47 6.17 -29.98
C VAL B 232 2.69 5.51 -31.33
N ARG B 233 3.96 5.25 -31.62
CA ARG B 233 4.38 4.60 -32.84
C ARG B 233 4.82 3.18 -32.47
N LEU B 234 4.23 2.19 -33.14
CA LEU B 234 4.63 0.80 -32.98
C LEU B 234 5.48 0.38 -34.16
N SER B 235 6.60 -0.28 -33.87
CA SER B 235 7.55 -0.65 -34.90
C SER B 235 7.78 -2.15 -34.80
N LEU B 236 7.13 -2.89 -35.71
CA LEU B 236 7.33 -4.33 -35.84
C LEU B 236 7.75 -4.73 -37.24
N GLY B 237 8.13 -3.78 -38.08
CA GLY B 237 8.45 -4.05 -39.47
C GLY B 237 7.38 -3.47 -40.39
N ALA B 238 7.65 -3.60 -41.69
CA ALA B 238 6.78 -3.06 -42.74
C ALA B 238 6.28 -4.18 -43.65
N GLY B 239 5.08 -3.98 -44.18
CA GLY B 239 4.55 -4.88 -45.19
C GLY B 239 4.56 -6.32 -44.72
N MET B 240 5.13 -7.19 -45.56
CA MET B 240 5.22 -8.61 -45.26
C MET B 240 6.27 -8.91 -44.19
N GLY B 241 7.12 -7.94 -43.83
CA GLY B 241 8.16 -8.12 -42.84
C GLY B 241 7.75 -7.92 -41.39
N VAL B 242 6.47 -7.64 -41.15
CA VAL B 242 5.98 -7.39 -39.80
C VAL B 242 6.16 -8.64 -38.96
N GLY B 243 6.89 -8.50 -37.83
CA GLY B 243 7.13 -9.60 -36.92
C GLY B 243 8.44 -10.32 -37.13
N LYS B 244 9.15 -10.08 -38.23
CA LYS B 244 10.31 -10.90 -38.54
C LYS B 244 11.50 -10.61 -37.63
N ASP B 245 11.57 -9.46 -37.00
CA ASP B 245 12.76 -9.13 -36.21
C ASP B 245 12.69 -9.65 -34.78
N GLY B 246 11.55 -10.17 -34.35
CA GLY B 246 11.43 -10.67 -32.99
C GLY B 246 11.28 -9.61 -31.93
N LEU B 247 10.89 -8.39 -32.32
CA LEU B 247 10.87 -7.25 -31.43
C LEU B 247 9.62 -6.41 -31.67
N LEU B 248 9.10 -5.82 -30.61
CA LEU B 248 8.07 -4.79 -30.71
C LEU B 248 8.67 -3.48 -30.23
N GLY B 249 8.84 -2.54 -31.16
CA GLY B 249 9.27 -1.19 -30.81
C GLY B 249 8.07 -0.33 -30.47
N ILE B 250 8.24 0.49 -29.44
CA ILE B 250 7.22 1.43 -29.00
C ILE B 250 7.90 2.78 -28.83
N SER B 251 7.40 3.82 -29.49
CA SER B 251 8.05 5.12 -29.49
C SER B 251 7.03 6.23 -29.33
N GLY B 252 7.50 7.34 -28.77
CA GLY B 252 6.73 8.56 -28.63
C GLY B 252 7.32 9.46 -27.56
N ASP B 253 7.24 10.77 -27.75
CA ASP B 253 7.67 11.74 -26.74
C ASP B 253 9.16 11.62 -26.44
N GLY B 254 9.98 11.46 -27.49
CA GLY B 254 11.41 11.31 -27.30
C GLY B 254 11.84 10.04 -26.59
N LYS B 255 10.93 9.09 -26.38
CA LYS B 255 11.23 7.80 -25.79
C LYS B 255 11.06 6.70 -26.83
N ARG B 256 11.96 5.71 -26.81
CA ARG B 256 11.81 4.50 -27.59
C ARG B 256 12.13 3.30 -26.73
N SER B 257 11.43 2.19 -26.98
CA SER B 257 11.68 0.96 -26.27
C SER B 257 11.49 -0.21 -27.24
N THR B 258 12.18 -1.32 -26.94
CA THR B 258 11.96 -2.57 -27.65
C THR B 258 11.65 -3.65 -26.62
N THR B 259 10.72 -4.51 -26.98
CA THR B 259 10.27 -5.63 -26.16
C THR B 259 10.42 -6.89 -26.99
N ARG B 260 11.09 -7.89 -26.43
CA ARG B 260 11.31 -9.10 -27.19
C ARG B 260 10.04 -9.94 -27.25
N LEU B 261 9.74 -10.46 -28.44
CA LEU B 261 8.50 -11.19 -28.63
C LEU B 261 8.58 -12.57 -28.00
N LEU B 262 7.42 -13.12 -27.69
CA LEU B 262 7.32 -14.47 -27.14
C LEU B 262 7.32 -15.49 -28.27
N ASP B 263 8.15 -16.53 -28.14
CA ASP B 263 8.18 -17.63 -29.11
C ASP B 263 7.01 -18.61 -28.99
N ALA B 264 6.23 -18.55 -27.92
CA ALA B 264 5.10 -19.46 -27.76
C ALA B 264 4.01 -19.16 -28.79
N GLU B 265 3.02 -20.05 -28.86
CA GLU B 265 1.91 -19.90 -29.81
C GLU B 265 0.60 -19.67 -29.07
N PHE B 266 -0.12 -18.63 -29.47
CA PHE B 266 -1.37 -18.29 -28.81
C PHE B 266 -2.46 -19.31 -29.16
N PRO B 267 -3.33 -19.68 -28.22
CA PRO B 267 -4.37 -20.66 -28.53
C PRO B 267 -5.38 -20.14 -29.55
N LYS B 268 -6.13 -21.09 -30.14
CA LYS B 268 -7.10 -20.77 -31.19
C LYS B 268 -8.40 -20.31 -30.53
N PHE B 269 -8.49 -19.00 -30.27
CA PHE B 269 -9.56 -18.46 -29.44
C PHE B 269 -10.84 -18.12 -30.22
N ARG B 270 -10.77 -17.95 -31.54
CA ARG B 270 -11.93 -17.41 -32.26
CA ARG B 270 -11.93 -17.41 -32.26
C ARG B 270 -13.09 -18.39 -32.27
N GLN B 271 -12.81 -19.69 -32.19
CA GLN B 271 -13.88 -20.67 -32.10
C GLN B 271 -14.57 -20.67 -30.74
N LEU B 272 -14.07 -19.91 -29.76
CA LEU B 272 -14.76 -19.79 -28.48
C LEU B 272 -15.90 -18.79 -28.50
N LEU B 273 -15.90 -17.87 -29.45
CA LEU B 273 -16.83 -16.76 -29.43
C LEU B 273 -18.21 -17.24 -29.88
N PRO B 274 -19.22 -17.19 -29.02
CA PRO B 274 -20.55 -17.71 -29.39
C PRO B 274 -21.30 -16.77 -30.31
N ALA B 275 -21.97 -17.34 -31.31
CA ALA B 275 -22.70 -16.52 -32.26
C ALA B 275 -24.14 -16.26 -31.83
N GLU B 276 -24.63 -17.01 -30.85
CA GLU B 276 -26.04 -16.96 -30.47
C GLU B 276 -26.15 -17.27 -28.98
N HIS B 277 -27.11 -16.62 -28.34
CA HIS B 277 -27.32 -16.78 -26.91
C HIS B 277 -28.76 -17.19 -26.65
N THR B 278 -28.96 -18.02 -25.63
CA THR B 278 -30.29 -18.34 -25.17
C THR B 278 -30.83 -17.33 -24.18
N ALA B 279 -29.96 -16.48 -23.61
CA ALA B 279 -30.39 -15.46 -22.68
C ALA B 279 -29.40 -14.31 -22.74
N VAL B 280 -29.91 -13.12 -22.54
CA VAL B 280 -29.10 -11.91 -22.44
C VAL B 280 -29.55 -11.14 -21.20
N ALA B 281 -28.61 -10.43 -20.60
CA ALA B 281 -28.92 -9.61 -19.45
C ALA B 281 -28.07 -8.37 -19.50
N SER B 282 -28.50 -7.34 -18.80
CA SER B 282 -27.63 -6.19 -18.57
C SER B 282 -27.78 -5.71 -17.14
N ALA B 283 -26.70 -5.18 -16.60
CA ALA B 283 -26.69 -4.70 -15.24
C ALA B 283 -25.83 -3.45 -15.16
N ASP B 284 -26.04 -2.68 -14.10
CA ASP B 284 -25.15 -1.58 -13.78
C ASP B 284 -23.84 -2.15 -13.23
N VAL B 285 -22.71 -1.72 -13.79
CA VAL B 285 -21.43 -2.33 -13.45
C VAL B 285 -21.08 -2.07 -11.98
N ALA B 286 -21.23 -0.83 -11.51
CA ALA B 286 -20.90 -0.51 -10.12
C ALA B 286 -21.80 -1.27 -9.14
N GLU B 287 -23.11 -1.28 -9.40
CA GLU B 287 -23.99 -2.02 -8.50
C GLU B 287 -23.65 -3.50 -8.46
N LEU B 288 -23.37 -4.10 -9.62
CA LEU B 288 -23.07 -5.53 -9.65
C LEU B 288 -21.73 -5.81 -8.99
N THR B 289 -20.73 -4.98 -9.26
CA THR B 289 -19.43 -5.12 -8.62
C THR B 289 -19.56 -5.07 -7.10
N GLU B 290 -20.29 -4.08 -6.59
CA GLU B 290 -20.45 -3.94 -5.14
C GLU B 290 -21.18 -5.15 -4.55
N ALA B 291 -22.19 -5.65 -5.27
CA ALA B 291 -22.93 -6.81 -4.78
C ALA B 291 -22.06 -8.07 -4.75
N ILE B 292 -21.22 -8.29 -5.77
CA ILE B 292 -20.32 -9.45 -5.77
C ILE B 292 -19.35 -9.38 -4.60
N LYS B 293 -18.77 -8.21 -4.36
CA LYS B 293 -17.84 -8.06 -3.26
C LYS B 293 -18.52 -8.35 -1.93
N LEU B 294 -19.79 -7.95 -1.81
CA LEU B 294 -20.49 -8.19 -0.56
C LEU B 294 -20.77 -9.67 -0.36
N VAL B 295 -21.38 -10.33 -1.35
CA VAL B 295 -21.75 -11.73 -1.12
C VAL B 295 -20.54 -12.63 -1.11
N ALA B 296 -19.49 -12.28 -1.85
CA ALA B 296 -18.30 -13.13 -1.85
C ALA B 296 -17.62 -13.17 -0.50
N LEU B 297 -17.99 -12.30 0.44
CA LEU B 297 -17.36 -12.34 1.76
C LEU B 297 -17.52 -13.70 2.43
N VAL B 298 -18.57 -14.45 2.11
CA VAL B 298 -18.75 -15.77 2.72
C VAL B 298 -18.37 -16.90 1.76
N ALA B 299 -17.83 -16.59 0.58
CA ALA B 299 -17.43 -17.63 -0.36
C ALA B 299 -16.13 -18.29 0.08
N ASP B 300 -16.13 -19.62 0.13
CA ASP B 300 -14.94 -20.37 0.56
C ASP B 300 -13.82 -20.18 -0.46
N ARG B 301 -12.65 -19.73 0.03
CA ARG B 301 -11.49 -19.42 -0.80
C ARG B 301 -11.81 -18.41 -1.90
N GLY B 302 -12.84 -17.60 -1.71
CA GLY B 302 -13.33 -16.77 -2.81
C GLY B 302 -13.51 -17.54 -4.09
N ALA B 303 -13.97 -18.78 -3.99
CA ALA B 303 -13.99 -19.65 -5.17
C ALA B 303 -15.21 -19.39 -6.06
N GLN B 304 -16.40 -19.10 -5.50
CA GLN B 304 -17.54 -18.91 -6.40
C GLN B 304 -18.65 -18.04 -5.83
N VAL B 305 -19.36 -17.37 -6.75
CA VAL B 305 -20.62 -16.70 -6.47
C VAL B 305 -21.62 -17.20 -7.50
N ARG B 306 -22.89 -17.23 -7.12
CA ARG B 306 -23.91 -17.80 -7.98
C ARG B 306 -24.87 -16.71 -8.44
N MET B 307 -25.19 -16.73 -9.73
CA MET B 307 -26.06 -15.73 -10.34
C MET B 307 -27.31 -16.45 -10.83
N GLU B 308 -28.45 -16.16 -10.22
CA GLU B 308 -29.73 -16.67 -10.68
C GLU B 308 -30.47 -15.54 -11.40
N PHE B 309 -30.64 -15.67 -12.72
CA PHE B 309 -31.27 -14.65 -13.55
C PHE B 309 -32.70 -15.05 -13.88
N ALA B 310 -33.65 -14.13 -13.66
CA ALA B 310 -35.04 -14.27 -14.10
C ALA B 310 -35.87 -13.05 -13.74
N ASP B 311 -36.87 -12.71 -14.57
CA ASP B 311 -37.93 -11.77 -14.16
C ASP B 311 -37.38 -10.37 -13.87
N GLY B 312 -36.51 -9.87 -14.73
CA GLY B 312 -35.87 -8.60 -14.45
C GLY B 312 -35.16 -8.51 -13.12
N MET B 313 -34.75 -9.64 -12.55
CA MET B 313 -34.03 -9.63 -11.29
C MET B 313 -32.84 -10.57 -11.37
N LEU B 314 -31.77 -10.21 -10.70
CA LEU B 314 -30.60 -11.06 -10.52
C LEU B 314 -30.45 -11.34 -9.03
N ARG B 315 -30.47 -12.61 -8.66
CA ARG B 315 -30.23 -13.04 -7.29
C ARG B 315 -28.81 -13.55 -7.23
N LEU B 316 -27.95 -12.78 -6.59
CA LEU B 316 -26.55 -13.08 -6.39
C LEU B 316 -26.37 -13.71 -5.01
N SER B 317 -25.74 -14.88 -4.94
CA SER B 317 -25.62 -15.55 -3.65
C SER B 317 -24.27 -16.26 -3.54
N ALA B 318 -23.92 -16.59 -2.30
CA ALA B 318 -22.66 -17.27 -2.02
C ALA B 318 -22.73 -17.92 -0.65
N GLY B 319 -21.72 -18.73 -0.35
CA GLY B 319 -21.55 -19.24 0.99
C GLY B 319 -22.12 -20.63 1.14
N ALA B 320 -22.17 -21.06 2.39
CA ALA B 320 -22.58 -22.40 2.78
C ALA B 320 -22.90 -22.37 4.27
N ASP B 321 -23.48 -23.48 4.76
CA ASP B 321 -23.99 -23.51 6.13
C ASP B 321 -22.90 -23.28 7.16
N ASP B 322 -21.67 -23.72 6.90
CA ASP B 322 -20.66 -23.72 7.94
C ASP B 322 -20.15 -22.31 8.23
N VAL B 323 -19.98 -21.49 7.20
CA VAL B 323 -19.40 -20.16 7.37
C VAL B 323 -20.43 -19.05 7.25
N GLY B 324 -21.58 -19.30 6.62
CA GLY B 324 -22.59 -18.27 6.40
C GLY B 324 -23.05 -18.25 4.95
N ARG B 325 -24.31 -17.84 4.76
CA ARG B 325 -24.87 -17.67 3.43
C ARG B 325 -25.22 -16.20 3.21
N ALA B 326 -25.13 -15.78 1.95
CA ALA B 326 -25.36 -14.39 1.57
C ALA B 326 -26.15 -14.36 0.29
N GLU B 327 -27.03 -13.36 0.19
CA GLU B 327 -27.76 -13.09 -1.03
C GLU B 327 -27.99 -11.60 -1.15
N GLU B 328 -27.95 -11.09 -2.38
CA GLU B 328 -28.37 -9.73 -2.67
C GLU B 328 -29.07 -9.77 -4.03
N ASP B 329 -30.21 -9.12 -4.12
CA ASP B 329 -31.00 -9.10 -5.35
C ASP B 329 -30.91 -7.71 -5.97
N ILE B 330 -30.53 -7.64 -7.24
CA ILE B 330 -30.48 -6.35 -7.89
C ILE B 330 -31.31 -6.39 -9.17
N ALA B 331 -31.77 -5.21 -9.58
CA ALA B 331 -32.54 -5.12 -10.82
C ALA B 331 -31.60 -5.29 -12.01
N VAL B 332 -32.05 -6.08 -12.99
CA VAL B 332 -31.34 -6.25 -14.25
C VAL B 332 -32.37 -6.26 -15.36
N GLU B 333 -31.92 -5.95 -16.57
CA GLU B 333 -32.69 -6.25 -17.77
C GLU B 333 -32.38 -7.69 -18.16
N PHE B 334 -33.41 -8.47 -18.47
CA PHE B 334 -33.17 -9.88 -18.76
C PHE B 334 -34.19 -10.38 -19.78
N ALA B 335 -33.73 -11.19 -20.74
CA ALA B 335 -34.60 -11.86 -21.71
C ALA B 335 -34.03 -13.24 -22.02
N GLY B 336 -34.91 -14.15 -22.42
CA GLY B 336 -34.53 -15.49 -22.78
C GLY B 336 -34.79 -16.50 -21.68
N GLN B 337 -34.03 -17.59 -21.75
CA GLN B 337 -34.24 -18.70 -20.82
C GLN B 337 -33.61 -18.39 -19.47
N PRO B 338 -34.38 -18.35 -18.38
CA PRO B 338 -33.78 -18.15 -17.05
C PRO B 338 -32.75 -19.23 -16.76
N LEU B 339 -31.76 -18.88 -15.94
CA LEU B 339 -30.70 -19.83 -15.63
C LEU B 339 -29.98 -19.38 -14.37
N THR B 340 -29.32 -20.35 -13.72
CA THR B 340 -28.41 -20.12 -12.61
C THR B 340 -27.02 -20.54 -13.05
N ILE B 341 -26.06 -19.66 -12.85
CA ILE B 341 -24.71 -19.90 -13.36
C ILE B 341 -23.75 -19.30 -12.36
N ALA B 342 -22.62 -19.97 -12.16
CA ALA B 342 -21.70 -19.60 -11.09
C ALA B 342 -20.35 -19.20 -11.67
N PHE B 343 -19.67 -18.26 -11.02
CA PHE B 343 -18.37 -17.78 -11.48
C PHE B 343 -17.41 -17.62 -10.31
N ASN B 344 -16.12 -17.68 -10.64
CA ASN B 344 -15.09 -17.13 -9.79
C ASN B 344 -15.31 -15.63 -9.63
N PRO B 345 -15.56 -15.13 -8.41
CA PRO B 345 -15.90 -13.71 -8.27
C PRO B 345 -14.75 -12.76 -8.60
N THR B 346 -13.50 -13.17 -8.37
CA THR B 346 -12.36 -12.35 -8.80
C THR B 346 -12.33 -12.20 -10.32
N TYR B 347 -12.47 -13.31 -11.06
CA TYR B 347 -12.48 -13.24 -12.52
C TYR B 347 -13.69 -12.44 -13.03
N LEU B 348 -14.82 -12.53 -12.34
CA LEU B 348 -15.99 -11.78 -12.74
C LEU B 348 -15.75 -10.29 -12.57
N ILE B 349 -15.26 -9.89 -11.40
CA ILE B 349 -14.99 -8.48 -11.17
C ILE B 349 -13.92 -7.96 -12.13
N ASP B 350 -12.87 -8.77 -12.39
CA ASP B 350 -11.86 -8.36 -13.37
C ASP B 350 -12.52 -8.03 -14.69
N GLY B 351 -13.48 -8.85 -15.10
CA GLY B 351 -14.11 -8.63 -16.39
C GLY B 351 -15.00 -7.40 -16.37
N LEU B 352 -15.75 -7.21 -15.28
CA LEU B 352 -16.58 -6.02 -15.17
C LEU B 352 -15.73 -4.76 -15.18
N ALA B 353 -14.58 -4.78 -14.49
CA ALA B 353 -13.71 -3.62 -14.44
C ALA B 353 -13.02 -3.34 -15.77
N SER B 354 -12.94 -4.34 -16.64
CA SER B 354 -12.27 -4.13 -17.92
C SER B 354 -13.21 -3.58 -18.98
N LEU B 355 -14.52 -3.52 -18.71
CA LEU B 355 -15.45 -3.06 -19.73
C LEU B 355 -15.29 -1.58 -20.00
N HIS B 356 -15.00 -0.80 -18.95
CA HIS B 356 -14.88 0.66 -19.03
C HIS B 356 -16.18 1.27 -19.55
N SER B 357 -17.30 0.81 -19.02
CA SER B 357 -18.61 1.32 -19.40
C SER B 357 -19.50 1.29 -18.17
N GLU B 358 -20.61 2.03 -18.25
CA GLU B 358 -21.49 2.09 -17.09
C GLU B 358 -22.21 0.78 -16.86
N ARG B 359 -22.52 0.05 -17.93
CA ARG B 359 -23.29 -1.18 -17.85
C ARG B 359 -22.54 -2.32 -18.52
N VAL B 360 -22.98 -3.54 -18.21
CA VAL B 360 -22.46 -4.77 -18.80
C VAL B 360 -23.61 -5.47 -19.51
N SER B 361 -23.34 -6.03 -20.69
CA SER B 361 -24.26 -6.92 -21.37
C SER B 361 -23.72 -8.34 -21.27
N PHE B 362 -24.53 -9.25 -20.74
CA PHE B 362 -24.19 -10.66 -20.65
C PHE B 362 -24.82 -11.43 -21.80
N GLY B 363 -24.10 -12.41 -22.33
CA GLY B 363 -24.69 -13.39 -23.24
C GLY B 363 -24.42 -14.79 -22.75
N PHE B 364 -25.49 -15.58 -22.58
CA PHE B 364 -25.43 -16.91 -22.01
C PHE B 364 -25.90 -17.96 -23.01
N THR B 365 -25.39 -19.19 -22.86
CA THR B 365 -26.03 -20.35 -23.46
C THR B 365 -26.54 -21.27 -22.35
N THR B 366 -25.66 -21.93 -21.61
CA THR B 366 -26.03 -22.85 -20.54
C THR B 366 -25.20 -22.55 -19.31
N PRO B 367 -25.57 -23.11 -18.15
CA PRO B 367 -24.76 -22.88 -16.94
C PRO B 367 -23.35 -23.48 -16.99
N GLY B 368 -23.04 -24.33 -17.98
CA GLY B 368 -21.72 -24.94 -18.07
C GLY B 368 -20.84 -24.46 -19.19
N LYS B 369 -21.25 -23.43 -19.93
CA LYS B 369 -20.56 -22.94 -21.12
C LYS B 369 -20.22 -21.47 -20.91
N PRO B 370 -19.26 -20.93 -21.69
CA PRO B 370 -18.77 -19.58 -21.38
C PRO B 370 -19.87 -18.52 -21.40
N ALA B 371 -19.69 -17.51 -20.56
CA ALA B 371 -20.54 -16.32 -20.59
C ALA B 371 -19.78 -15.19 -21.27
N LEU B 372 -20.49 -14.47 -22.14
CA LEU B 372 -19.91 -13.35 -22.89
C LEU B 372 -20.29 -12.06 -22.18
N LEU B 373 -19.29 -11.29 -21.75
CA LEU B 373 -19.48 -9.95 -21.21
C LEU B 373 -19.00 -8.93 -22.24
N ARG B 374 -19.77 -7.86 -22.40
CA ARG B 374 -19.38 -6.83 -23.35
C ARG B 374 -19.86 -5.49 -22.82
N PRO B 375 -19.22 -4.39 -23.22
CA PRO B 375 -19.61 -3.09 -22.67
C PRO B 375 -20.97 -2.68 -23.17
N ALA B 376 -21.70 -1.98 -22.29
CA ALA B 376 -22.99 -1.40 -22.64
C ALA B 376 -23.07 -0.04 -21.96
N SER B 377 -23.68 0.92 -22.64
CA SER B 377 -23.85 2.23 -22.03
C SER B 377 -25.21 2.28 -21.32
N ALA B 378 -25.35 3.28 -20.44
CA ALA B 378 -26.64 3.47 -19.80
C ALA B 378 -27.71 3.87 -20.83
N GLU B 379 -27.29 4.26 -22.02
CA GLU B 379 -28.21 4.60 -23.08
C GLU B 379 -28.54 3.41 -23.97
N ASP B 380 -27.92 2.26 -23.72
CA ASP B 380 -28.35 1.00 -24.30
C ASP B 380 -29.50 0.41 -23.48
N ARG B 381 -30.28 -0.46 -24.12
CA ARG B 381 -31.35 -1.15 -23.44
C ARG B 381 -31.59 -2.50 -24.11
N ILE B 382 -32.02 -3.47 -23.31
CA ILE B 382 -32.35 -4.83 -23.75
C ILE B 382 -33.81 -4.85 -24.16
N VAL B 383 -34.13 -5.72 -25.14
CA VAL B 383 -35.50 -5.94 -25.57
C VAL B 383 -36.42 -6.24 -24.38
N ASP B 388 -38.19 -9.64 -27.67
CA ASP B 388 -38.56 -11.04 -27.85
C ASP B 388 -37.87 -11.90 -26.80
N GLN B 389 -38.19 -13.19 -26.80
CA GLN B 389 -37.66 -14.12 -25.80
C GLN B 389 -36.57 -15.02 -26.39
N GLY B 390 -35.98 -14.65 -27.52
CA GLY B 390 -34.82 -15.33 -28.04
C GLY B 390 -35.10 -16.24 -29.22
N PRO B 391 -34.04 -16.86 -29.79
CA PRO B 391 -32.64 -16.71 -29.38
C PRO B 391 -32.01 -15.43 -29.93
N PHE B 392 -30.86 -15.05 -29.39
CA PHE B 392 -30.30 -13.72 -29.59
C PHE B 392 -28.95 -13.84 -30.30
N ALA B 393 -28.89 -13.28 -31.50
CA ALA B 393 -27.62 -13.17 -32.21
C ALA B 393 -26.62 -12.36 -31.41
N ALA B 394 -25.35 -12.78 -31.47
CA ALA B 394 -24.28 -11.99 -30.90
C ALA B 394 -24.26 -10.59 -31.48
N VAL B 395 -24.09 -9.59 -30.62
CA VAL B 395 -24.02 -8.20 -31.02
C VAL B 395 -22.57 -7.84 -31.31
N PRO B 396 -22.27 -7.19 -32.44
CA PRO B 396 -20.88 -6.77 -32.68
C PRO B 396 -20.40 -5.79 -31.61
N THR B 397 -19.16 -5.98 -31.18
CA THR B 397 -18.63 -5.17 -30.09
C THR B 397 -17.13 -5.09 -30.24
N ASP B 398 -16.56 -3.93 -29.89
CA ASP B 398 -15.13 -3.75 -29.95
CA ASP B 398 -15.13 -3.75 -29.95
C ASP B 398 -14.40 -4.45 -28.81
N TYR B 399 -15.11 -4.87 -27.77
CA TYR B 399 -14.47 -5.54 -26.64
C TYR B 399 -15.33 -6.70 -26.15
N VAL B 400 -14.70 -7.84 -25.89
CA VAL B 400 -15.39 -8.98 -25.30
CA VAL B 400 -15.37 -9.01 -25.34
C VAL B 400 -14.53 -9.55 -24.19
N TYR B 401 -15.18 -9.95 -23.11
CA TYR B 401 -14.52 -10.68 -22.03
C TYR B 401 -15.34 -11.96 -21.84
N LEU B 402 -14.76 -13.08 -22.23
CA LEU B 402 -15.46 -14.36 -22.22
C LEU B 402 -14.99 -15.14 -21.00
N LEU B 403 -15.94 -15.52 -20.13
CA LEU B 403 -15.63 -16.08 -18.82
C LEU B 403 -16.24 -17.47 -18.69
N MET B 404 -15.40 -18.45 -18.39
CA MET B 404 -15.89 -19.78 -18.10
C MET B 404 -16.58 -19.80 -16.75
N PRO B 405 -17.79 -20.39 -16.63
CA PRO B 405 -18.39 -20.56 -15.30
C PRO B 405 -17.66 -21.63 -14.51
N VAL B 406 -18.03 -21.74 -13.24
CA VAL B 406 -17.60 -22.85 -12.39
C VAL B 406 -18.82 -23.70 -12.07
N ARG B 407 -18.58 -24.92 -11.58
CA ARG B 407 -19.68 -25.83 -11.28
C ARG B 407 -20.43 -25.42 -10.04
N LEU B 408 -21.75 -25.50 -10.10
CA LEU B 408 -22.58 -25.26 -8.94
C LEU B 408 -22.46 -26.43 -7.96
N PRO B 409 -22.57 -26.16 -6.65
CA PRO B 409 -22.43 -27.20 -5.62
C PRO B 409 -23.54 -28.25 -5.71
N LEU C 5 22.64 2.42 24.40
CA LEU C 5 22.62 3.46 25.44
C LEU C 5 23.25 2.89 26.69
N LEU C 7 22.73 2.09 29.54
CA LEU C 7 21.78 1.66 30.56
C LEU C 7 22.44 0.59 31.44
N PRO C 9 21.60 -2.21 34.38
CA PRO C 9 22.05 -3.05 33.26
C PRO C 9 21.32 -2.69 31.97
N GLY C 11 22.73 -1.76 28.42
CA GLY C 11 23.59 -1.46 27.30
C GLY C 11 22.81 -1.10 26.05
N LEU D 5 -12.05 -22.93 -20.40
CA LEU D 5 -12.59 -22.58 -21.70
C LEU D 5 -12.28 -23.71 -22.68
N LEU D 7 -10.88 -24.45 -25.25
CA LEU D 7 -9.82 -24.18 -26.21
C LEU D 7 -9.30 -25.51 -26.72
N PRO D 9 -6.26 -27.34 -28.81
CA PRO D 9 -6.14 -28.00 -27.51
C PRO D 9 -6.07 -26.95 -26.39
N GLY D 11 -8.13 -26.59 -23.12
CA GLY D 11 -9.11 -26.79 -22.07
C GLY D 11 -9.12 -25.62 -21.12
#